data_6ZB9
#
_entry.id   6ZB9
#
_cell.length_a   55.580
_cell.length_b   88.040
_cell.length_c   70.810
_cell.angle_alpha   90.00
_cell.angle_beta   100.99
_cell.angle_gamma   90.00
#
_symmetry.space_group_name_H-M   'P 1 21 1'
#
_entity_poly.entity_id   1
_entity_poly.type   'polypeptide(L)'
_entity_poly.pdbx_seq_one_letter_code
;MKIKGVNLGNWLVLEKWMSSAIWEGTDAEDEYYLPRGLDSKVYEARIKMHRAEYISERDFARIKAMGFNSVRIPIPYFIY
GDRAPFIGCIDELDRAFSWAEKYDLKILIDLHTVPMSQNGFDNGGLSGVCKWAQIPEEVDFVLNLLEKLAKRYGKRKGLL
GIEPINEPVSEEMWNDMGVQKRYPPLDKEMAEGSAPISFEWLKGFYDKAADRILPNIDDDKYIVFHDGFRLHAWEEYLTQ
DRYKGRVILDTHQYLMIAEMLGCEQTLEAYKTFIKEKFEDEITKVEKYVPVVVGEWCIFNSYCVGMDTKGGQSVLNGVDS
SDAKGVSDEEKRKVYMELSKAQLKAWDSLSGYFYWTYKMLLDPTNQATWRGWDCWDLAKCVDEGWFPGRVA
;
_entity_poly.pdbx_strand_id   A,B
#
# COMPACT_ATOMS: atom_id res chain seq x y z
N MET A 1 5.66 24.58 -15.58
CA MET A 1 6.02 23.68 -14.49
C MET A 1 6.84 22.53 -15.07
N LYS A 2 8.05 22.33 -14.54
CA LYS A 2 8.86 21.18 -14.90
C LYS A 2 8.25 19.93 -14.26
N ILE A 3 7.94 18.95 -15.10
CA ILE A 3 7.16 17.78 -14.67
C ILE A 3 8.05 16.78 -13.94
N LYS A 4 7.74 16.54 -12.68
CA LYS A 4 8.42 15.56 -11.86
C LYS A 4 7.35 14.58 -11.40
N GLY A 5 7.37 13.37 -11.97
CA GLY A 5 6.20 12.50 -11.92
C GLY A 5 6.56 11.04 -11.73
N VAL A 6 5.51 10.28 -11.42
CA VAL A 6 5.56 8.82 -11.29
C VAL A 6 4.36 8.29 -12.04
N ASN A 7 4.49 7.08 -12.59
CA ASN A 7 3.34 6.42 -13.18
C ASN A 7 2.58 5.67 -12.10
N LEU A 8 1.27 5.58 -12.28
CA LEU A 8 0.47 4.66 -11.46
C LEU A 8 0.15 3.41 -12.27
N GLY A 9 1.21 2.73 -12.70
CA GLY A 9 1.02 1.49 -13.42
C GLY A 9 0.31 0.46 -12.57
N ASN A 10 -0.32 -0.51 -13.23
CA ASN A 10 -0.91 -1.68 -12.59
C ASN A 10 -2.08 -1.35 -11.67
N TRP A 11 -2.53 -0.10 -11.60
CA TRP A 11 -3.72 0.22 -10.83
C TRP A 11 -5.00 -0.07 -11.61
N LEU A 12 -5.38 0.80 -12.56
CA LEU A 12 -6.57 0.54 -13.37
C LEU A 12 -6.26 -0.32 -14.61
N VAL A 13 -5.00 -0.39 -15.03
CA VAL A 13 -4.60 -1.16 -16.20
C VAL A 13 -3.61 -2.20 -15.73
N LEU A 14 -4.03 -3.46 -15.70
CA LEU A 14 -3.25 -4.51 -15.05
C LEU A 14 -2.07 -4.95 -15.91
N GLU A 15 -0.97 -5.28 -15.23
CA GLU A 15 0.22 -5.84 -15.87
C GLU A 15 0.74 -6.97 -15.00
N LYS A 16 0.63 -8.21 -15.50
CA LYS A 16 0.71 -9.42 -14.68
C LYS A 16 1.96 -9.44 -13.82
N TRP A 17 3.10 -9.02 -14.35
CA TRP A 17 4.34 -9.18 -13.62
C TRP A 17 4.45 -8.34 -12.35
N MET A 18 3.58 -7.34 -12.18
CA MET A 18 3.70 -6.42 -11.03
CA MET A 18 3.68 -6.42 -11.04
C MET A 18 2.94 -6.90 -9.80
N SER A 19 1.99 -7.81 -9.95
CA SER A 19 1.13 -8.19 -8.84
C SER A 19 0.73 -9.63 -9.06
N SER A 20 0.85 -10.46 -8.03
CA SER A 20 0.55 -11.88 -8.18
C SER A 20 -0.92 -12.20 -7.90
N ALA A 21 -1.44 -11.69 -6.77
CA ALA A 21 -2.69 -12.20 -6.18
C ALA A 21 -3.86 -12.23 -7.14
N ILE A 22 -4.05 -11.17 -7.94
CA ILE A 22 -5.24 -11.15 -8.78
C ILE A 22 -5.20 -12.22 -9.87
N TRP A 23 -4.03 -12.82 -10.11
CA TRP A 23 -3.97 -13.85 -11.15
C TRP A 23 -4.10 -15.27 -10.62
N GLU A 24 -4.12 -15.47 -9.29
CA GLU A 24 -4.17 -16.80 -8.70
C GLU A 24 -5.27 -17.65 -9.34
N GLY A 25 -4.96 -18.91 -9.59
CA GLY A 25 -5.94 -19.85 -10.07
C GLY A 25 -6.28 -19.73 -11.54
N THR A 26 -5.49 -18.98 -12.30
CA THR A 26 -5.74 -18.73 -13.71
C THR A 26 -4.43 -18.80 -14.47
N ASP A 27 -4.54 -19.10 -15.76
CA ASP A 27 -3.41 -19.09 -16.67
C ASP A 27 -3.47 -17.91 -17.62
N ALA A 28 -4.31 -16.93 -17.32
CA ALA A 28 -4.39 -15.75 -18.17
C ALA A 28 -3.11 -14.96 -18.04
N GLU A 29 -2.72 -14.33 -19.14
CA GLU A 29 -1.50 -13.53 -19.13
C GLU A 29 -1.76 -12.04 -19.17
N ASP A 30 -3.00 -11.62 -19.42
CA ASP A 30 -3.26 -10.20 -19.65
C ASP A 30 -4.67 -9.86 -19.19
N GLU A 31 -4.99 -8.56 -19.28
CA GLU A 31 -6.28 -8.05 -18.81
C GLU A 31 -7.45 -8.69 -19.53
N TYR A 32 -7.31 -8.96 -20.83
CA TYR A 32 -8.43 -9.49 -21.60
C TYR A 32 -8.89 -10.84 -21.05
N TYR A 33 -7.97 -11.78 -20.86
CA TYR A 33 -8.36 -13.15 -20.53
C TYR A 33 -8.52 -13.40 -19.02
N LEU A 34 -8.19 -12.41 -18.17
CA LEU A 34 -8.45 -12.59 -16.74
C LEU A 34 -9.92 -12.87 -16.45
N PRO A 35 -10.88 -12.04 -16.89
CA PRO A 35 -12.28 -12.37 -16.57
C PRO A 35 -12.76 -13.67 -17.17
N ARG A 36 -12.11 -14.18 -18.22
CA ARG A 36 -12.58 -15.42 -18.83
C ARG A 36 -12.14 -16.66 -18.05
N GLY A 37 -11.16 -16.52 -17.16
CA GLY A 37 -10.67 -17.59 -16.32
C GLY A 37 -11.24 -17.63 -14.91
N LEU A 38 -12.07 -16.67 -14.53
CA LEU A 38 -12.66 -16.64 -13.21
C LEU A 38 -14.18 -16.70 -13.33
N ASP A 39 -14.83 -16.94 -12.19
CA ASP A 39 -16.26 -16.77 -12.16
C ASP A 39 -16.58 -15.29 -12.01
N SER A 40 -17.70 -14.88 -12.60
CA SER A 40 -18.07 -13.47 -12.67
C SER A 40 -17.91 -12.80 -11.31
N LYS A 41 -18.47 -13.40 -10.26
CA LYS A 41 -18.50 -12.75 -8.95
C LYS A 41 -17.11 -12.73 -8.30
N VAL A 42 -16.26 -13.71 -8.61
CA VAL A 42 -14.89 -13.70 -8.11
C VAL A 42 -14.06 -12.64 -8.82
N TYR A 43 -14.22 -12.51 -10.13
CA TYR A 43 -13.51 -11.49 -10.91
C TYR A 43 -13.82 -10.08 -10.39
N GLU A 44 -15.10 -9.74 -10.25
CA GLU A 44 -15.47 -8.43 -9.71
C GLU A 44 -14.90 -8.24 -8.31
N ALA A 45 -14.95 -9.29 -7.48
CA ALA A 45 -14.45 -9.20 -6.12
C ALA A 45 -12.97 -8.83 -6.09
N ARG A 46 -12.17 -9.44 -6.98
CA ARG A 46 -10.73 -9.21 -6.99
C ARG A 46 -10.38 -7.85 -7.55
N ILE A 47 -11.08 -7.45 -8.62
CA ILE A 47 -10.79 -6.18 -9.26
C ILE A 47 -11.08 -5.02 -8.32
N LYS A 48 -12.23 -5.07 -7.64
CA LYS A 48 -12.57 -3.95 -6.76
C LYS A 48 -11.71 -3.96 -5.51
N MET A 49 -11.31 -5.13 -5.02
CA MET A 49 -10.35 -5.15 -3.91
C MET A 49 -9.00 -4.62 -4.36
N HIS A 50 -8.54 -5.06 -5.53
CA HIS A 50 -7.27 -4.56 -6.03
C HIS A 50 -7.30 -3.04 -6.20
N ARG A 51 -8.40 -2.52 -6.77
CA ARG A 51 -8.48 -1.09 -7.04
C ARG A 51 -8.65 -0.28 -5.76
N ALA A 52 -9.25 -0.88 -4.73
CA ALA A 52 -9.42 -0.16 -3.47
C ALA A 52 -8.11 -0.08 -2.70
N GLU A 53 -7.28 -1.13 -2.77
CA GLU A 53 -6.07 -1.23 -1.95
C GLU A 53 -4.83 -0.66 -2.64
N TYR A 54 -4.71 -0.80 -3.96
CA TYR A 54 -3.44 -0.52 -4.63
C TYR A 54 -3.10 0.97 -4.66
N ILE A 55 -4.08 1.84 -4.91
CA ILE A 55 -3.90 3.29 -4.85
C ILE A 55 -5.01 3.87 -4.00
N SER A 56 -4.67 4.81 -3.14
CA SER A 56 -5.65 5.48 -2.30
C SER A 56 -5.05 6.83 -1.88
N GLU A 57 -5.78 7.57 -1.04
CA GLU A 57 -5.33 8.90 -0.65
C GLU A 57 -3.91 8.89 -0.11
N ARG A 58 -3.56 7.88 0.71
CA ARG A 58 -2.25 7.88 1.34
C ARG A 58 -1.15 7.86 0.29
N ASP A 59 -1.43 7.28 -0.87
CA ASP A 59 -0.41 7.22 -1.91
C ASP A 59 -0.11 8.60 -2.46
N PHE A 60 -1.15 9.41 -2.70
CA PHE A 60 -0.92 10.77 -3.17
C PHE A 60 -0.13 11.58 -2.15
N ALA A 61 -0.46 11.43 -0.86
CA ALA A 61 0.32 12.09 0.18
C ALA A 61 1.79 11.71 0.09
N ARG A 62 2.08 10.42 -0.04
CA ARG A 62 3.46 9.96 -0.12
C ARG A 62 4.13 10.47 -1.39
N ILE A 63 3.39 10.57 -2.49
CA ILE A 63 3.98 11.02 -3.75
C ILE A 63 4.40 12.48 -3.66
N LYS A 64 3.53 13.33 -3.12
CA LYS A 64 3.89 14.71 -2.84
C LYS A 64 5.09 14.78 -1.91
N ALA A 65 5.09 13.94 -0.86
CA ALA A 65 6.10 14.07 0.18
C ALA A 65 7.48 13.73 -0.36
N MET A 66 7.57 12.82 -1.33
CA MET A 66 8.84 12.48 -1.97
C MET A 66 9.35 13.55 -2.94
N GLY A 67 8.55 14.58 -3.25
CA GLY A 67 9.03 15.69 -4.06
C GLY A 67 8.43 15.78 -5.45
N PHE A 68 7.54 14.88 -5.80
CA PHE A 68 6.95 14.88 -7.14
C PHE A 68 5.77 15.84 -7.20
N ASN A 69 5.50 16.34 -8.40
CA ASN A 69 4.38 17.24 -8.63
C ASN A 69 3.34 16.69 -9.60
N SER A 70 3.59 15.53 -10.22
CA SER A 70 2.65 15.03 -11.21
C SER A 70 2.60 13.52 -11.18
N VAL A 71 1.51 12.98 -11.74
N VAL A 71 1.45 12.98 -11.56
CA VAL A 71 1.18 11.57 -11.72
CA VAL A 71 1.27 11.54 -11.75
C VAL A 71 0.61 11.20 -13.09
C VAL A 71 0.76 11.31 -13.16
N ARG A 72 1.21 10.21 -13.76
CA ARG A 72 0.69 9.70 -15.02
C ARG A 72 -0.12 8.46 -14.71
N ILE A 73 -1.38 8.42 -15.14
CA ILE A 73 -2.33 7.39 -14.76
C ILE A 73 -2.75 6.62 -16.00
N PRO A 74 -2.23 5.41 -16.20
CA PRO A 74 -2.71 4.60 -17.32
C PRO A 74 -4.16 4.19 -17.09
N ILE A 75 -5.05 4.48 -18.04
CA ILE A 75 -6.44 4.09 -17.87
C ILE A 75 -6.82 3.12 -18.98
N PRO A 76 -7.74 2.21 -18.72
CA PRO A 76 -8.19 1.27 -19.75
C PRO A 76 -9.31 1.86 -20.59
N TYR A 77 -9.47 1.29 -21.80
CA TYR A 77 -10.48 1.78 -22.71
C TYR A 77 -11.90 1.55 -22.18
N PHE A 78 -12.06 0.64 -21.22
CA PHE A 78 -13.38 0.29 -20.73
C PHE A 78 -13.76 1.08 -19.47
N ILE A 79 -13.03 2.17 -19.22
CA ILE A 79 -13.17 2.91 -17.98
C ILE A 79 -14.62 3.30 -17.73
N TYR A 80 -15.38 3.59 -18.76
CA TYR A 80 -16.75 4.05 -18.50
C TYR A 80 -17.71 2.90 -18.17
N GLY A 81 -17.24 1.67 -18.14
CA GLY A 81 -18.10 0.58 -17.76
C GLY A 81 -18.97 0.06 -18.87
N ASP A 82 -18.76 0.49 -20.11
CA ASP A 82 -19.61 0.10 -21.23
C ASP A 82 -19.02 -1.05 -22.03
N ARG A 83 -18.05 -1.79 -21.48
CA ARG A 83 -17.40 -2.85 -22.26
C ARG A 83 -17.31 -4.14 -21.41
N ALA A 84 -18.40 -4.91 -21.40
CA ALA A 84 -18.42 -6.20 -20.74
C ALA A 84 -17.43 -7.17 -21.40
N PRO A 85 -16.75 -8.02 -20.62
CA PRO A 85 -17.00 -8.24 -19.18
C PRO A 85 -16.25 -7.31 -18.22
N PHE A 86 -15.56 -6.29 -18.71
CA PHE A 86 -14.71 -5.46 -17.87
C PHE A 86 -15.53 -4.50 -17.02
N ILE A 87 -14.93 -4.00 -15.94
CA ILE A 87 -15.63 -3.23 -14.92
C ILE A 87 -15.08 -1.82 -14.87
N GLY A 88 -15.99 -0.83 -14.86
CA GLY A 88 -15.59 0.55 -15.01
C GLY A 88 -14.85 1.09 -13.80
N CYS A 89 -14.15 2.20 -14.03
CA CYS A 89 -13.36 2.82 -12.98
C CYS A 89 -13.32 4.33 -13.19
N ILE A 90 -14.48 4.92 -13.51
CA ILE A 90 -14.56 6.38 -13.48
C ILE A 90 -14.56 6.87 -12.03
N ASP A 91 -15.14 6.10 -11.11
CA ASP A 91 -15.09 6.49 -9.70
C ASP A 91 -13.65 6.68 -9.26
N GLU A 92 -12.79 5.69 -9.53
CA GLU A 92 -11.41 5.76 -9.08
C GLU A 92 -10.70 6.99 -9.65
N LEU A 93 -10.81 7.20 -10.98
CA LEU A 93 -10.16 8.35 -11.57
C LEU A 93 -10.67 9.64 -10.94
N ASP A 94 -11.99 9.69 -10.66
CA ASP A 94 -12.54 10.85 -9.96
C ASP A 94 -11.82 11.05 -8.64
N ARG A 95 -11.67 9.97 -7.85
CA ARG A 95 -11.04 10.08 -6.54
C ARG A 95 -9.56 10.44 -6.68
N ALA A 96 -8.89 9.90 -7.70
CA ALA A 96 -7.52 10.34 -8.02
C ALA A 96 -7.42 11.85 -8.18
N PHE A 97 -8.42 12.49 -8.83
CA PHE A 97 -8.41 13.93 -9.02
C PHE A 97 -8.73 14.69 -7.73
N SER A 98 -9.60 14.16 -6.87
CA SER A 98 -9.79 14.87 -5.61
C SER A 98 -8.54 14.75 -4.75
N TRP A 99 -7.77 13.66 -4.92
CA TRP A 99 -6.54 13.50 -4.16
C TRP A 99 -5.41 14.32 -4.75
N ALA A 100 -5.30 14.34 -6.09
CA ALA A 100 -4.32 15.22 -6.73
C ALA A 100 -4.53 16.68 -6.35
N GLU A 101 -5.78 17.16 -6.36
CA GLU A 101 -6.03 18.56 -6.03
C GLU A 101 -5.77 18.88 -4.56
N LYS A 102 -5.97 17.91 -3.66
CA LYS A 102 -5.66 18.14 -2.24
C LYS A 102 -4.18 18.33 -2.02
N TYR A 103 -3.35 17.52 -2.68
CA TYR A 103 -1.91 17.50 -2.40
C TYR A 103 -1.13 18.30 -3.42
N ASP A 104 -1.82 19.05 -4.28
CA ASP A 104 -1.21 19.92 -5.29
C ASP A 104 -0.36 19.11 -6.27
N LEU A 105 -0.99 18.09 -6.84
CA LEU A 105 -0.40 17.26 -7.87
C LEU A 105 -1.25 17.38 -9.13
N LYS A 106 -0.62 17.18 -10.28
CA LYS A 106 -1.34 17.21 -11.54
C LYS A 106 -1.40 15.80 -12.13
N ILE A 107 -2.48 15.52 -12.83
CA ILE A 107 -2.72 14.20 -13.39
C ILE A 107 -2.61 14.28 -14.90
N LEU A 108 -1.83 13.38 -15.48
CA LEU A 108 -1.83 13.14 -16.93
C LEU A 108 -2.63 11.87 -17.17
N ILE A 109 -3.80 12.01 -17.77
CA ILE A 109 -4.60 10.84 -18.10
C ILE A 109 -3.97 10.21 -19.33
N ASP A 110 -3.51 8.96 -19.20
CA ASP A 110 -2.82 8.24 -20.28
C ASP A 110 -3.65 7.04 -20.70
N LEU A 111 -4.18 7.07 -21.93
CA LEU A 111 -5.05 6.00 -22.39
C LEU A 111 -4.16 4.83 -22.75
N HIS A 112 -4.09 3.82 -21.86
CA HIS A 112 -3.09 2.77 -21.99
C HIS A 112 -3.52 1.61 -22.87
N THR A 113 -4.81 1.33 -22.97
CA THR A 113 -5.27 0.17 -23.73
C THR A 113 -6.44 0.56 -24.63
N VAL A 114 -6.60 -0.20 -25.72
CA VAL A 114 -7.64 0.06 -26.73
C VAL A 114 -8.19 -1.27 -27.22
N PRO A 115 -9.42 -1.26 -27.73
CA PRO A 115 -10.03 -2.52 -28.20
C PRO A 115 -9.27 -3.12 -29.37
N MET A 116 -8.74 -4.34 -29.15
CA MET A 116 -7.96 -5.14 -30.10
C MET A 116 -6.53 -4.63 -30.28
N SER A 117 -6.13 -3.62 -29.51
CA SER A 117 -4.75 -3.31 -29.10
C SER A 117 -3.96 -2.57 -30.17
N GLN A 118 -3.05 -1.71 -29.74
CA GLN A 118 -2.24 -0.89 -30.61
C GLN A 118 -0.79 -1.33 -30.65
N ASN A 119 -0.43 -2.33 -29.85
CA ASN A 119 0.92 -2.89 -29.89
C ASN A 119 0.97 -4.42 -29.86
N GLY A 120 0.02 -5.09 -29.23
CA GLY A 120 0.20 -6.50 -28.99
C GLY A 120 1.03 -6.84 -27.78
N PHE A 121 1.55 -5.85 -27.05
CA PHE A 121 2.23 -6.12 -25.78
C PHE A 121 1.25 -6.63 -24.74
N ASP A 122 1.80 -7.27 -23.71
CA ASP A 122 0.99 -7.70 -22.56
C ASP A 122 0.49 -6.50 -21.76
N ASN A 123 1.26 -5.41 -21.70
CA ASN A 123 0.81 -4.21 -21.00
C ASN A 123 -0.35 -3.52 -21.71
N GLY A 124 -0.61 -3.86 -22.99
CA GLY A 124 -1.77 -3.40 -23.73
C GLY A 124 -3.03 -4.21 -23.51
N GLY A 125 -2.95 -5.32 -22.77
CA GLY A 125 -4.12 -6.02 -22.31
C GLY A 125 -4.58 -7.16 -23.18
N LEU A 126 -4.14 -7.21 -24.45
CA LEU A 126 -4.42 -8.35 -25.33
C LEU A 126 -3.10 -8.76 -25.99
N SER A 127 -2.51 -9.85 -25.49
CA SER A 127 -1.18 -10.28 -25.92
C SER A 127 -1.20 -10.83 -27.33
N GLY A 128 -0.32 -10.30 -28.18
CA GLY A 128 -0.11 -10.82 -29.52
C GLY A 128 -1.18 -10.46 -30.53
N VAL A 129 -2.12 -9.60 -30.20
CA VAL A 129 -3.09 -9.11 -31.16
C VAL A 129 -2.88 -7.62 -31.27
N CYS A 130 -3.02 -7.09 -32.49
CA CYS A 130 -2.71 -5.70 -32.77
C CYS A 130 -3.49 -5.24 -33.98
N LYS A 131 -4.79 -5.04 -33.82
CA LYS A 131 -5.64 -4.72 -34.95
C LYS A 131 -6.53 -3.50 -34.72
N TRP A 132 -6.38 -2.80 -33.60
CA TRP A 132 -7.24 -1.65 -33.29
C TRP A 132 -7.30 -0.68 -34.45
N ALA A 133 -6.13 -0.17 -34.86
CA ALA A 133 -6.06 0.78 -35.96
C ALA A 133 -6.75 0.29 -37.23
N GLN A 134 -6.98 -1.01 -37.38
CA GLN A 134 -7.61 -1.56 -38.57
C GLN A 134 -9.13 -1.71 -38.43
N ILE A 135 -9.70 -1.33 -37.29
CA ILE A 135 -11.13 -1.46 -37.06
C ILE A 135 -11.71 -0.06 -36.84
N PRO A 136 -12.27 0.56 -37.88
CA PRO A 136 -12.77 1.93 -37.73
C PRO A 136 -13.65 2.18 -36.52
N GLU A 137 -14.61 1.31 -36.20
CA GLU A 137 -15.53 1.66 -35.12
C GLU A 137 -14.85 1.62 -33.76
N GLU A 138 -13.81 0.82 -33.60
CA GLU A 138 -13.08 0.92 -32.35
C GLU A 138 -12.13 2.12 -32.33
N VAL A 139 -11.72 2.61 -33.50
CA VAL A 139 -10.99 3.88 -33.55
C VAL A 139 -11.92 5.03 -33.16
N ASP A 140 -13.19 4.94 -33.56
CA ASP A 140 -14.19 5.92 -33.16
C ASP A 140 -14.58 5.75 -31.70
N PHE A 141 -14.55 4.52 -31.16
CA PHE A 141 -14.86 4.36 -29.74
C PHE A 141 -13.79 5.01 -28.89
N VAL A 142 -12.53 4.95 -29.32
CA VAL A 142 -11.46 5.60 -28.57
C VAL A 142 -11.56 7.12 -28.70
N LEU A 143 -11.86 7.62 -29.91
CA LEU A 143 -12.08 9.05 -30.06
C LEU A 143 -13.22 9.56 -29.18
N ASN A 144 -14.34 8.82 -29.12
CA ASN A 144 -15.48 9.28 -28.29
C ASN A 144 -15.11 9.26 -26.82
N LEU A 145 -14.33 8.26 -26.41
CA LEU A 145 -13.88 8.16 -25.02
C LEU A 145 -12.93 9.31 -24.67
N LEU A 146 -12.05 9.68 -25.60
CA LEU A 146 -11.15 10.80 -25.34
C LEU A 146 -11.92 12.11 -25.29
N GLU A 147 -12.99 12.24 -26.07
CA GLU A 147 -13.80 13.45 -26.02
C GLU A 147 -14.49 13.57 -24.68
N LYS A 148 -15.17 12.49 -24.26
CA LYS A 148 -15.80 12.47 -22.94
C LYS A 148 -14.80 12.80 -21.84
N LEU A 149 -13.62 12.17 -21.88
CA LEU A 149 -12.66 12.37 -20.79
C LEU A 149 -12.17 13.81 -20.75
N ALA A 150 -12.00 14.46 -21.91
CA ALA A 150 -11.58 15.86 -21.88
C ALA A 150 -12.70 16.77 -21.38
N LYS A 151 -13.96 16.44 -21.65
CA LYS A 151 -15.06 17.27 -21.13
C LYS A 151 -15.23 17.11 -19.62
N ARG A 152 -15.00 15.89 -19.10
CA ARG A 152 -15.21 15.61 -17.67
C ARG A 152 -14.13 16.26 -16.80
N TYR A 153 -12.91 16.42 -17.35
CA TYR A 153 -11.75 16.86 -16.61
C TYR A 153 -11.02 18.08 -17.18
N GLY A 154 -11.42 18.59 -18.34
CA GLY A 154 -10.59 19.57 -19.03
C GLY A 154 -10.37 20.86 -18.28
N LYS A 155 -11.29 21.24 -17.38
CA LYS A 155 -11.14 22.49 -16.63
C LYS A 155 -10.79 22.27 -15.16
N ARG A 156 -10.56 21.03 -14.73
CA ARG A 156 -10.18 20.77 -13.35
C ARG A 156 -8.77 21.27 -13.04
N LYS A 157 -8.55 21.66 -11.79
CA LYS A 157 -7.24 22.17 -11.38
C LYS A 157 -6.19 21.07 -11.41
N GLY A 158 -6.61 19.83 -11.16
CA GLY A 158 -5.68 18.74 -11.13
C GLY A 158 -5.28 18.18 -12.46
N LEU A 159 -5.83 18.68 -13.58
CA LEU A 159 -5.52 18.10 -14.88
C LEU A 159 -4.24 18.69 -15.43
N LEU A 160 -3.27 17.83 -15.75
CA LEU A 160 -2.09 18.24 -16.51
C LEU A 160 -2.34 18.12 -18.00
N GLY A 161 -2.81 16.95 -18.44
CA GLY A 161 -3.03 16.73 -19.85
C GLY A 161 -3.69 15.40 -20.08
N ILE A 162 -3.87 15.06 -21.36
CA ILE A 162 -4.50 13.82 -21.79
C ILE A 162 -3.65 13.17 -22.90
N GLU A 163 -3.27 11.91 -22.69
CA GLU A 163 -2.48 11.18 -23.68
C GLU A 163 -3.39 10.29 -24.50
N PRO A 164 -3.54 10.56 -25.81
CA PRO A 164 -4.56 9.84 -26.60
C PRO A 164 -4.33 8.35 -26.68
N ILE A 165 -3.08 7.91 -26.76
CA ILE A 165 -2.84 6.48 -26.85
C ILE A 165 -1.41 6.21 -26.40
N ASN A 166 -1.21 5.13 -25.69
CA ASN A 166 0.10 4.77 -25.22
C ASN A 166 0.74 3.77 -26.16
N GLU A 167 1.98 4.01 -26.53
CA GLU A 167 2.74 3.08 -27.32
C GLU A 167 2.19 2.43 -28.56
N PRO A 168 1.80 3.21 -29.57
CA PRO A 168 1.35 2.57 -30.80
C PRO A 168 2.62 2.05 -31.44
N VAL A 169 2.66 0.77 -31.72
CA VAL A 169 3.90 0.13 -32.16
C VAL A 169 4.27 0.50 -33.59
N SER A 170 5.57 0.77 -33.81
CA SER A 170 6.13 1.08 -35.13
C SER A 170 6.44 -0.20 -35.90
N GLU A 171 6.70 -0.04 -37.21
CA GLU A 171 7.23 -1.14 -38.01
C GLU A 171 8.58 -1.62 -37.47
N GLU A 172 9.47 -0.68 -37.13
CA GLU A 172 10.76 -1.08 -36.57
C GLU A 172 10.56 -1.87 -35.28
N MET A 173 9.75 -1.35 -34.35
CA MET A 173 9.55 -2.04 -33.07
C MET A 173 8.83 -3.38 -33.25
N TRP A 174 7.77 -3.38 -34.07
CA TRP A 174 7.05 -4.62 -34.37
C TRP A 174 7.98 -5.70 -34.93
N ASN A 175 8.84 -5.33 -35.88
CA ASN A 175 9.88 -6.28 -36.31
C ASN A 175 10.91 -6.53 -35.22
N ASP A 176 11.63 -5.48 -34.82
CA ASP A 176 12.81 -5.67 -33.97
C ASP A 176 12.53 -6.43 -32.68
N MET A 177 11.39 -6.19 -32.03
CA MET A 177 11.09 -6.80 -30.73
C MET A 177 10.56 -8.22 -30.85
N GLY A 178 10.06 -8.61 -32.01
CA GLY A 178 9.43 -9.92 -32.16
C GLY A 178 8.19 -10.06 -31.28
N VAL A 179 7.21 -9.17 -31.49
CA VAL A 179 6.16 -8.95 -30.49
C VAL A 179 5.30 -10.18 -30.29
N GLN A 180 4.95 -10.88 -31.37
CA GLN A 180 4.00 -11.99 -31.22
C GLN A 180 4.63 -13.32 -30.80
N LYS A 181 5.96 -13.44 -30.73
CA LYS A 181 6.46 -14.52 -29.89
C LYS A 181 6.81 -14.04 -28.50
N ARG A 182 7.24 -12.79 -28.32
CA ARG A 182 7.43 -12.29 -26.96
C ARG A 182 6.13 -12.40 -26.16
N TYR A 183 5.00 -12.00 -26.77
CA TYR A 183 3.68 -12.07 -26.13
C TYR A 183 2.72 -12.89 -26.97
N PRO A 184 2.93 -14.20 -27.05
CA PRO A 184 2.23 -15.03 -28.05
C PRO A 184 0.73 -14.92 -27.91
N PRO A 185 0.02 -14.85 -29.02
CA PRO A 185 -1.44 -14.74 -28.96
C PRO A 185 -2.09 -16.06 -28.53
N LEU A 186 -3.18 -15.93 -27.79
CA LEU A 186 -3.93 -17.10 -27.32
C LEU A 186 -4.87 -17.63 -28.39
N ASP A 187 -5.44 -16.75 -29.20
CA ASP A 187 -6.47 -17.07 -30.20
C ASP A 187 -5.91 -16.64 -31.56
N LYS A 188 -5.14 -17.55 -32.20
CA LYS A 188 -4.42 -17.19 -33.43
C LYS A 188 -5.34 -16.71 -34.55
N GLU A 189 -6.62 -17.06 -34.53
CA GLU A 189 -7.58 -16.48 -35.47
C GLU A 189 -7.80 -15.00 -35.19
N MET A 190 -7.99 -14.65 -33.91
CA MET A 190 -8.11 -13.26 -33.50
C MET A 190 -6.89 -12.45 -33.90
N ALA A 191 -5.71 -13.04 -33.78
CA ALA A 191 -4.48 -12.31 -34.05
C ALA A 191 -4.21 -12.17 -35.54
N GLU A 192 -4.84 -13.00 -36.37
CA GLU A 192 -4.55 -12.97 -37.81
C GLU A 192 -4.81 -11.57 -38.36
N GLY A 193 -3.82 -11.04 -39.07
CA GLY A 193 -3.95 -9.72 -39.65
C GLY A 193 -3.40 -8.59 -38.80
N SER A 194 -2.83 -8.90 -37.64
CA SER A 194 -2.21 -7.85 -36.84
C SER A 194 -1.03 -7.24 -37.57
N ALA A 195 -0.87 -5.94 -37.42
CA ALA A 195 0.09 -5.14 -38.15
C ALA A 195 0.47 -3.95 -37.30
N PRO A 196 1.64 -3.38 -37.47
CA PRO A 196 1.99 -2.19 -36.70
C PRO A 196 1.27 -0.97 -37.22
N ILE A 197 1.51 0.16 -36.57
CA ILE A 197 0.81 1.40 -36.85
C ILE A 197 1.81 2.35 -37.51
N SER A 198 1.52 2.72 -38.75
CA SER A 198 2.45 3.57 -39.49
C SER A 198 2.36 5.01 -39.03
N PHE A 199 3.42 5.76 -39.35
CA PHE A 199 3.54 7.15 -38.90
C PHE A 199 2.43 8.02 -39.50
N GLU A 200 2.13 7.83 -40.78
CA GLU A 200 1.08 8.61 -41.44
C GLU A 200 -0.27 8.37 -40.78
N TRP A 201 -0.61 7.10 -40.55
CA TRP A 201 -1.90 6.82 -39.92
C TRP A 201 -1.98 7.43 -38.53
N LEU A 202 -0.90 7.34 -37.75
CA LEU A 202 -0.89 7.85 -36.38
C LEU A 202 -1.07 9.37 -36.33
N LYS A 203 -0.55 10.08 -37.34
CA LYS A 203 -0.75 11.52 -37.37
C LYS A 203 -2.18 11.89 -37.74
N GLY A 204 -2.83 11.08 -38.57
CA GLY A 204 -4.24 11.29 -38.81
C GLY A 204 -5.04 11.07 -37.53
N PHE A 205 -4.73 9.99 -36.81
CA PHE A 205 -5.40 9.73 -35.54
C PHE A 205 -5.17 10.86 -34.54
N TYR A 206 -3.91 11.30 -34.39
CA TYR A 206 -3.63 12.47 -33.55
C TYR A 206 -4.48 13.69 -33.98
N ASP A 207 -4.60 13.95 -35.29
CA ASP A 207 -5.50 15.03 -35.75
C ASP A 207 -6.91 14.86 -35.20
N LYS A 208 -7.43 13.63 -35.27
CA LYS A 208 -8.75 13.36 -34.75
C LYS A 208 -8.79 13.50 -33.22
N ALA A 209 -7.78 12.96 -32.53
CA ALA A 209 -7.76 13.07 -31.07
C ALA A 209 -7.66 14.52 -30.63
N ALA A 210 -6.80 15.30 -31.30
CA ALA A 210 -6.64 16.70 -30.93
C ALA A 210 -7.91 17.49 -31.15
N ASP A 211 -8.75 17.04 -32.09
CA ASP A 211 -10.00 17.76 -32.32
C ASP A 211 -11.03 17.42 -31.26
N ARG A 212 -10.93 16.27 -30.61
CA ARG A 212 -11.83 15.98 -29.51
C ARG A 212 -11.29 16.43 -28.16
N ILE A 213 -9.99 16.68 -28.06
CA ILE A 213 -9.38 16.99 -26.77
C ILE A 213 -9.20 18.50 -26.63
N LEU A 214 -8.48 19.09 -27.58
CA LEU A 214 -8.06 20.48 -27.45
C LEU A 214 -9.20 21.49 -27.28
N PRO A 215 -10.39 21.33 -27.89
CA PRO A 215 -11.49 22.28 -27.63
C PRO A 215 -12.12 22.17 -26.25
N ASN A 216 -11.85 21.11 -25.48
CA ASN A 216 -12.55 20.90 -24.22
C ASN A 216 -11.64 20.98 -23.02
N ILE A 217 -10.37 21.33 -23.19
CA ILE A 217 -9.45 21.45 -22.06
C ILE A 217 -8.94 22.88 -22.06
N ASP A 218 -8.62 23.39 -20.87
CA ASP A 218 -8.20 24.77 -20.73
C ASP A 218 -6.82 24.99 -21.37
N ASP A 219 -6.46 26.28 -21.53
CA ASP A 219 -5.24 26.66 -22.20
C ASP A 219 -3.98 26.38 -21.39
N ASP A 220 -4.08 26.08 -20.10
CA ASP A 220 -2.91 25.70 -19.35
C ASP A 220 -2.70 24.20 -19.30
N LYS A 221 -3.57 23.42 -19.94
CA LYS A 221 -3.46 21.97 -20.09
C LYS A 221 -2.93 21.63 -21.48
N TYR A 222 -2.57 20.36 -21.65
CA TYR A 222 -1.87 19.94 -22.86
C TYR A 222 -2.48 18.65 -23.38
N ILE A 223 -2.27 18.40 -24.66
CA ILE A 223 -2.45 17.08 -25.23
C ILE A 223 -1.05 16.48 -25.37
N VAL A 224 -0.86 15.26 -24.89
CA VAL A 224 0.47 14.66 -24.80
C VAL A 224 0.53 13.50 -25.77
N PHE A 225 1.42 13.61 -26.76
CA PHE A 225 1.49 12.63 -27.84
C PHE A 225 2.64 11.67 -27.59
N HIS A 226 2.33 10.38 -27.51
CA HIS A 226 3.42 9.42 -27.49
C HIS A 226 4.10 9.43 -28.85
N ASP A 227 5.42 9.25 -28.85
CA ASP A 227 6.21 9.41 -30.07
C ASP A 227 6.13 8.20 -31.02
N GLY A 228 5.29 7.20 -30.72
CA GLY A 228 5.19 6.06 -31.60
C GLY A 228 6.51 5.36 -31.82
N PHE A 229 7.39 5.41 -30.83
CA PHE A 229 8.74 4.86 -30.90
C PHE A 229 9.56 5.51 -32.00
N ARG A 230 9.19 6.75 -32.39
CA ARG A 230 9.91 7.51 -33.42
C ARG A 230 10.27 8.89 -32.85
N LEU A 231 11.31 8.92 -32.00
CA LEU A 231 11.66 10.13 -31.27
C LEU A 231 11.84 11.33 -32.19
N HIS A 232 12.38 11.13 -33.39
CA HIS A 232 12.88 12.26 -34.18
C HIS A 232 11.97 12.64 -35.34
N ALA A 233 10.81 12.01 -35.47
CA ALA A 233 9.95 12.17 -36.63
C ALA A 233 8.96 13.31 -36.52
N TRP A 234 8.97 14.09 -35.44
CA TRP A 234 7.78 14.88 -35.12
C TRP A 234 7.95 16.36 -35.35
N GLU A 235 9.14 16.83 -35.72
CA GLU A 235 9.35 18.28 -35.85
C GLU A 235 8.26 18.95 -36.67
N GLU A 236 8.04 18.50 -37.91
CA GLU A 236 7.08 19.20 -38.75
C GLU A 236 5.66 19.11 -38.17
N TYR A 237 5.27 17.92 -37.72
CA TYR A 237 3.90 17.75 -37.22
C TYR A 237 3.64 18.61 -35.98
N LEU A 238 4.57 18.66 -35.04
CA LEU A 238 4.29 19.23 -33.74
C LEU A 238 4.65 20.72 -33.63
N THR A 239 5.22 21.32 -34.69
CA THR A 239 5.48 22.76 -34.75
C THR A 239 4.48 23.49 -35.64
N GLN A 240 3.35 22.87 -35.96
CA GLN A 240 2.23 23.61 -36.52
C GLN A 240 1.74 24.68 -35.54
N ASP A 241 1.21 25.78 -36.09
CA ASP A 241 0.87 26.94 -35.26
C ASP A 241 -0.26 26.63 -34.29
N ARG A 242 -1.20 25.76 -34.69
CA ARG A 242 -2.27 25.41 -33.76
C ARG A 242 -1.78 24.68 -32.52
N TYR A 243 -0.61 24.01 -32.58
CA TYR A 243 -0.10 23.24 -31.43
C TYR A 243 0.85 24.03 -30.54
N LYS A 244 1.35 25.18 -30.99
CA LYS A 244 2.27 25.95 -30.16
C LYS A 244 1.69 26.23 -28.77
N GLY A 245 2.36 25.70 -27.74
CA GLY A 245 1.95 25.89 -26.36
C GLY A 245 0.95 24.88 -25.85
N ARG A 246 0.55 23.91 -26.67
CA ARG A 246 -0.50 22.98 -26.30
C ARG A 246 -0.07 21.52 -26.44
N VAL A 247 1.21 21.24 -26.61
CA VAL A 247 1.64 19.88 -26.89
C VAL A 247 2.86 19.53 -26.06
N ILE A 248 2.89 18.28 -25.63
CA ILE A 248 4.08 17.63 -25.12
C ILE A 248 4.26 16.35 -25.94
N LEU A 249 5.51 16.04 -26.27
CA LEU A 249 5.86 14.76 -26.85
C LEU A 249 6.38 13.83 -25.74
N ASP A 250 5.80 12.64 -25.66
CA ASP A 250 6.16 11.63 -24.66
C ASP A 250 7.06 10.56 -25.29
N THR A 251 8.28 10.42 -24.80
CA THR A 251 9.20 9.38 -25.25
C THR A 251 9.56 8.45 -24.09
N HIS A 252 9.68 7.15 -24.36
CA HIS A 252 9.91 6.15 -23.33
C HIS A 252 11.33 5.59 -23.44
N GLN A 253 12.14 5.83 -22.41
CA GLN A 253 13.58 5.63 -22.50
C GLN A 253 14.06 4.75 -21.35
N TYR A 254 14.31 3.47 -21.66
CA TYR A 254 14.65 2.45 -20.69
C TYR A 254 16.14 2.15 -20.75
N LEU A 255 16.77 1.97 -19.59
CA LEU A 255 18.21 1.72 -19.55
C LEU A 255 18.56 0.34 -20.06
N MET A 256 17.69 -0.65 -19.80
CA MET A 256 17.95 -1.99 -20.31
C MET A 256 18.06 -2.02 -21.83
N ILE A 257 17.42 -1.07 -22.54
CA ILE A 257 17.61 -0.95 -23.98
C ILE A 257 19.10 -1.03 -24.33
N ALA A 258 19.92 -0.39 -23.51
CA ALA A 258 21.33 -0.26 -23.83
C ALA A 258 22.00 -1.61 -23.93
N GLU A 259 21.66 -2.53 -23.03
CA GLU A 259 22.28 -3.86 -23.05
C GLU A 259 21.94 -4.61 -24.33
N MET A 260 20.65 -4.64 -24.71
CA MET A 260 20.25 -5.27 -25.97
C MET A 260 21.09 -4.75 -27.13
N LEU A 261 21.34 -3.44 -27.16
CA LEU A 261 22.12 -2.81 -28.22
C LEU A 261 23.62 -3.04 -28.05
N GLY A 262 24.04 -3.84 -27.07
CA GLY A 262 25.45 -4.12 -26.89
C GLY A 262 26.18 -3.23 -25.93
N CYS A 263 25.49 -2.60 -24.98
CA CYS A 263 26.17 -1.85 -23.94
C CYS A 263 26.97 -2.79 -23.06
N GLU A 264 28.16 -2.33 -22.66
CA GLU A 264 28.82 -2.95 -21.52
C GLU A 264 27.93 -2.81 -20.28
N GLN A 265 28.08 -3.73 -19.34
CA GLN A 265 27.28 -3.68 -18.13
C GLN A 265 28.17 -3.26 -16.97
N THR A 266 28.65 -2.02 -17.08
CA THR A 266 29.36 -1.31 -16.02
C THR A 266 28.65 0.01 -15.75
N LEU A 267 28.99 0.66 -14.63
CA LEU A 267 28.36 1.93 -14.30
C LEU A 267 28.77 3.04 -15.27
N GLU A 268 30.06 3.07 -15.63
CA GLU A 268 30.50 4.15 -16.51
C GLU A 268 30.06 3.93 -17.96
N ALA A 269 29.83 2.68 -18.37
CA ALA A 269 29.20 2.46 -19.68
C ALA A 269 27.73 2.86 -19.66
N TYR A 270 27.01 2.56 -18.57
CA TYR A 270 25.64 3.02 -18.44
C TYR A 270 25.59 4.55 -18.48
N LYS A 271 26.50 5.19 -17.75
CA LYS A 271 26.46 6.64 -17.62
C LYS A 271 26.75 7.33 -18.95
N THR A 272 27.71 6.81 -19.74
CA THR A 272 27.96 7.40 -21.03
C THR A 272 26.80 7.18 -21.99
N PHE A 273 26.23 5.97 -22.02
CA PHE A 273 24.99 5.77 -22.77
C PHE A 273 23.94 6.78 -22.38
N ILE A 274 23.75 7.00 -21.07
CA ILE A 274 22.74 7.97 -20.62
C ILE A 274 23.06 9.37 -21.17
N LYS A 275 24.33 9.78 -21.11
CA LYS A 275 24.72 11.07 -21.64
C LYS A 275 24.52 11.15 -23.15
N GLU A 276 24.90 10.10 -23.90
CA GLU A 276 24.98 10.24 -25.35
C GLU A 276 23.62 10.00 -26.01
N LYS A 277 22.97 8.89 -25.67
CA LYS A 277 21.69 8.53 -26.29
C LYS A 277 20.45 9.09 -25.63
N PHE A 278 20.51 9.44 -24.36
CA PHE A 278 19.34 10.00 -23.73
C PHE A 278 19.49 11.50 -23.75
N GLU A 279 20.41 12.04 -22.96
CA GLU A 279 20.50 13.48 -22.82
C GLU A 279 20.83 14.14 -24.15
N ASP A 280 21.85 13.66 -24.85
CA ASP A 280 22.33 14.40 -26.03
C ASP A 280 21.36 14.32 -27.20
N GLU A 281 20.57 13.25 -27.33
CA GLU A 281 19.69 13.24 -28.48
C GLU A 281 18.31 13.76 -28.17
N ILE A 282 17.76 13.48 -26.98
CA ILE A 282 16.43 13.97 -26.64
C ILE A 282 16.39 15.49 -26.51
N THR A 283 17.48 16.12 -26.03
CA THR A 283 17.50 17.58 -25.92
C THR A 283 17.46 18.27 -27.28
N LYS A 284 17.82 17.57 -28.36
CA LYS A 284 17.59 18.14 -29.69
C LYS A 284 16.10 18.16 -30.02
N VAL A 285 15.34 17.23 -29.48
CA VAL A 285 13.90 17.31 -29.70
C VAL A 285 13.31 18.40 -28.79
N GLU A 286 13.89 18.58 -27.60
CA GLU A 286 13.39 19.62 -26.71
C GLU A 286 13.52 21.00 -27.34
N LYS A 287 14.48 21.19 -28.26
CA LYS A 287 14.70 22.51 -28.85
C LYS A 287 13.47 23.01 -29.60
N TYR A 288 12.67 22.11 -30.17
CA TYR A 288 11.52 22.51 -30.95
C TYR A 288 10.18 22.03 -30.38
N VAL A 289 10.16 21.23 -29.32
CA VAL A 289 8.89 20.80 -28.72
C VAL A 289 9.13 20.37 -27.27
N PRO A 290 8.21 20.69 -26.35
CA PRO A 290 8.30 20.12 -25.00
C PRO A 290 8.29 18.59 -25.02
N VAL A 291 9.28 17.98 -24.37
CA VAL A 291 9.41 16.52 -24.23
C VAL A 291 9.31 16.13 -22.76
N VAL A 292 8.53 15.08 -22.47
CA VAL A 292 8.64 14.37 -21.19
C VAL A 292 9.06 12.93 -21.50
N VAL A 293 9.99 12.41 -20.70
CA VAL A 293 10.26 10.98 -20.71
C VAL A 293 9.20 10.33 -19.83
N GLY A 294 8.12 9.85 -20.46
CA GLY A 294 6.97 9.42 -19.69
C GLY A 294 7.13 8.10 -18.99
N GLU A 295 8.13 7.32 -19.38
CA GLU A 295 8.50 6.07 -18.74
C GLU A 295 10.01 5.99 -18.74
N TRP A 296 10.57 5.61 -17.59
CA TRP A 296 11.99 5.32 -17.43
C TRP A 296 12.15 4.70 -16.06
N CYS A 297 13.31 4.11 -15.81
CA CYS A 297 13.60 3.54 -14.51
C CYS A 297 15.10 3.36 -14.39
N ILE A 298 15.52 2.62 -13.36
CA ILE A 298 16.93 2.37 -13.11
C ILE A 298 17.30 0.90 -13.22
N PHE A 299 16.36 0.04 -13.63
CA PHE A 299 16.67 -1.37 -13.82
C PHE A 299 17.87 -1.52 -14.73
N ASN A 300 18.68 -2.53 -14.43
CA ASN A 300 19.90 -2.80 -15.17
C ASN A 300 20.38 -4.18 -14.75
N SER A 301 21.00 -4.91 -15.68
CA SER A 301 21.44 -6.26 -15.37
C SER A 301 22.69 -6.33 -14.50
N TYR A 302 23.47 -5.24 -14.42
CA TYR A 302 24.58 -5.29 -13.49
C TYR A 302 24.11 -5.59 -12.08
N CYS A 303 23.04 -4.93 -11.65
CA CYS A 303 22.53 -5.15 -10.30
C CYS A 303 21.78 -6.46 -10.16
N VAL A 304 21.39 -7.08 -11.27
CA VAL A 304 20.71 -8.37 -11.21
C VAL A 304 21.75 -9.45 -10.94
N VAL A 326 27.19 -9.32 -6.35
CA VAL A 326 27.38 -7.88 -6.19
C VAL A 326 26.90 -7.47 -4.81
N SER A 327 27.74 -6.72 -4.09
CA SER A 327 27.49 -6.27 -2.73
C SER A 327 26.17 -5.50 -2.61
N ASP A 328 25.55 -5.57 -1.42
CA ASP A 328 24.41 -4.69 -1.14
C ASP A 328 24.81 -3.23 -1.21
N GLU A 329 26.03 -2.90 -0.77
CA GLU A 329 26.49 -1.52 -0.73
C GLU A 329 26.89 -1.01 -2.10
N GLU A 330 27.41 -1.89 -2.95
CA GLU A 330 27.66 -1.52 -4.34
C GLU A 330 26.37 -1.26 -5.08
N LYS A 331 25.44 -2.23 -5.01
CA LYS A 331 24.17 -2.13 -5.71
C LYS A 331 23.47 -0.81 -5.36
N ARG A 332 23.47 -0.45 -4.08
CA ARG A 332 22.87 0.81 -3.72
C ARG A 332 23.58 2.00 -4.38
N LYS A 333 24.91 1.97 -4.44
CA LYS A 333 25.63 3.09 -5.07
CA LYS A 333 25.62 3.09 -5.06
C LYS A 333 25.39 3.13 -6.57
N VAL A 334 25.30 1.96 -7.21
CA VAL A 334 25.06 1.90 -8.66
C VAL A 334 23.66 2.43 -9.01
N TYR A 335 22.63 1.90 -8.35
CA TYR A 335 21.28 2.42 -8.50
C TYR A 335 21.24 3.94 -8.27
N MET A 336 21.70 4.38 -7.10
CA MET A 336 21.60 5.81 -6.78
C MET A 336 22.32 6.65 -7.81
N GLU A 337 23.41 6.14 -8.38
CA GLU A 337 24.09 6.89 -9.42
C GLU A 337 23.28 6.91 -10.69
N LEU A 338 22.59 5.80 -11.00
CA LEU A 338 21.76 5.75 -12.20
C LEU A 338 20.50 6.60 -12.05
N SER A 339 19.97 6.71 -10.84
CA SER A 339 18.90 7.68 -10.61
C SER A 339 19.41 9.09 -10.87
N LYS A 340 20.57 9.44 -10.32
CA LYS A 340 21.06 10.81 -10.44
C LYS A 340 21.48 11.13 -11.87
N ALA A 341 22.03 10.14 -12.59
CA ALA A 341 22.50 10.37 -13.96
C ALA A 341 21.33 10.58 -14.92
N GLN A 342 20.24 9.83 -14.74
CA GLN A 342 19.07 10.00 -15.60
C GLN A 342 18.27 11.25 -15.20
N LEU A 343 18.15 11.51 -13.90
CA LEU A 343 17.54 12.77 -13.47
C LEU A 343 18.28 13.96 -14.08
N LYS A 344 19.62 13.91 -14.04
CA LYS A 344 20.38 15.02 -14.62
C LYS A 344 20.13 15.12 -16.11
N ALA A 345 19.98 13.98 -16.80
CA ALA A 345 19.64 14.02 -18.22
C ALA A 345 18.32 14.73 -18.45
N TRP A 346 17.27 14.32 -17.72
CA TRP A 346 15.92 14.89 -17.88
C TRP A 346 15.81 16.35 -17.42
N ASP A 347 16.86 16.91 -16.82
CA ASP A 347 16.76 18.28 -16.35
C ASP A 347 16.75 19.29 -17.51
N SER A 348 17.34 18.95 -18.65
CA SER A 348 17.24 19.84 -19.79
C SER A 348 16.01 19.56 -20.63
N LEU A 349 15.08 18.75 -20.13
CA LEU A 349 13.82 18.45 -20.80
C LEU A 349 12.69 19.14 -20.06
N SER A 350 11.45 18.80 -20.40
CA SER A 350 10.30 19.35 -19.70
C SER A 350 9.80 18.46 -18.56
N GLY A 351 10.22 17.21 -18.51
CA GLY A 351 10.03 16.44 -17.29
C GLY A 351 10.02 14.95 -17.57
N TYR A 352 9.50 14.22 -16.61
CA TYR A 352 9.60 12.77 -16.65
C TYR A 352 8.48 12.17 -15.81
N PHE A 353 8.31 10.86 -15.97
CA PHE A 353 7.41 10.04 -15.15
C PHE A 353 8.12 8.70 -14.96
N TYR A 354 8.53 8.42 -13.73
CA TYR A 354 9.15 7.14 -13.43
C TYR A 354 8.12 6.03 -13.64
N TRP A 355 8.61 4.88 -14.12
CA TRP A 355 7.81 3.66 -14.23
C TRP A 355 8.39 2.62 -13.28
N THR A 356 7.68 2.33 -12.18
CA THR A 356 6.39 2.90 -11.85
C THR A 356 6.41 3.25 -10.39
N TYR A 357 5.28 3.71 -9.85
CA TYR A 357 5.27 4.16 -8.47
C TYR A 357 5.31 2.99 -7.50
N LYS A 358 4.55 1.92 -7.79
CA LYS A 358 4.39 0.84 -6.82
C LYS A 358 4.19 -0.49 -7.51
N MET A 359 4.85 -1.52 -6.99
CA MET A 359 4.63 -2.91 -7.37
C MET A 359 4.51 -3.74 -6.11
N LEU A 360 4.09 -4.99 -6.29
CA LEU A 360 3.89 -5.92 -5.18
C LEU A 360 4.77 -7.17 -5.31
N LEU A 361 6.06 -6.98 -5.52
CA LEU A 361 7.00 -8.09 -5.69
C LEU A 361 7.50 -8.60 -4.34
N ASP A 362 7.77 -9.92 -4.30
CA ASP A 362 8.31 -10.61 -3.13
C ASP A 362 9.67 -11.22 -3.47
N PRO A 363 10.71 -10.40 -3.64
CA PRO A 363 12.03 -10.95 -3.99
C PRO A 363 12.66 -11.78 -2.89
N THR A 364 12.26 -11.54 -1.64
CA THR A 364 12.76 -12.34 -0.54
C THR A 364 12.49 -13.82 -0.78
N ASN A 365 11.25 -14.17 -1.19
CA ASN A 365 10.86 -15.56 -1.33
C ASN A 365 10.74 -16.03 -2.76
N GLN A 366 10.37 -15.14 -3.68
CA GLN A 366 10.32 -15.45 -5.11
C GLN A 366 11.58 -14.84 -5.70
N ALA A 367 12.66 -15.61 -5.70
CA ALA A 367 13.97 -15.03 -5.99
C ALA A 367 14.12 -14.62 -7.45
N THR A 368 13.19 -15.02 -8.31
CA THR A 368 13.23 -14.58 -9.70
C THR A 368 13.22 -13.05 -9.82
N TRP A 369 12.67 -12.34 -8.82
CA TRP A 369 12.52 -10.89 -8.85
C TRP A 369 13.68 -10.13 -8.20
N ARG A 370 14.76 -10.82 -7.82
CA ARG A 370 15.89 -10.11 -7.23
C ARG A 370 16.58 -9.28 -8.30
N GLY A 371 16.69 -7.99 -8.05
CA GLY A 371 17.13 -7.04 -9.05
C GLY A 371 16.01 -6.35 -9.80
N TRP A 372 14.75 -6.74 -9.55
CA TRP A 372 13.57 -6.22 -10.23
C TRP A 372 12.68 -5.39 -9.31
N ASP A 373 12.99 -5.30 -8.01
CA ASP A 373 12.12 -4.42 -7.23
C ASP A 373 12.50 -2.95 -7.41
N CYS A 374 13.62 -2.64 -8.06
CA CYS A 374 13.92 -1.26 -8.41
C CYS A 374 12.88 -0.62 -9.33
N TRP A 375 12.01 -1.43 -9.98
CA TRP A 375 10.91 -0.83 -10.71
C TRP A 375 9.90 -0.17 -9.78
N ASP A 376 9.94 -0.47 -8.49
CA ASP A 376 9.08 0.14 -7.48
C ASP A 376 9.77 1.42 -7.02
N LEU A 377 9.19 2.58 -7.35
CA LEU A 377 9.87 3.84 -7.06
C LEU A 377 9.85 4.15 -5.58
N ALA A 378 8.68 4.01 -4.95
CA ALA A 378 8.65 4.16 -3.50
C ALA A 378 9.68 3.25 -2.83
N LYS A 379 9.80 2.01 -3.29
CA LYS A 379 10.73 1.10 -2.65
C LYS A 379 12.17 1.55 -2.87
N CYS A 380 12.52 2.04 -4.08
CA CYS A 380 13.86 2.58 -4.25
C CYS A 380 14.22 3.59 -3.18
N VAL A 381 13.32 4.55 -2.95
CA VAL A 381 13.60 5.60 -1.98
C VAL A 381 13.96 5.03 -0.60
N ASP A 382 13.18 4.03 -0.14
CA ASP A 382 13.43 3.43 1.17
C ASP A 382 14.67 2.55 1.19
N GLU A 383 15.16 2.10 0.04
CA GLU A 383 16.43 1.40 -0.03
C GLU A 383 17.60 2.34 -0.31
N GLY A 384 17.39 3.65 -0.41
CA GLY A 384 18.46 4.55 -0.82
C GLY A 384 18.94 4.33 -2.24
N TRP A 385 18.04 3.89 -3.14
CA TRP A 385 18.34 3.67 -4.55
C TRP A 385 18.00 4.87 -5.42
N PHE A 386 17.18 5.78 -4.89
CA PHE A 386 16.66 6.94 -5.58
C PHE A 386 16.59 8.04 -4.55
N PRO A 387 17.04 9.26 -4.90
CA PRO A 387 17.15 10.33 -3.88
C PRO A 387 15.86 10.52 -3.10
N GLY A 388 16.00 10.75 -1.78
CA GLY A 388 14.88 11.02 -0.90
C GLY A 388 13.93 12.11 -1.38
N MET B 1 17.03 -2.28 26.29
CA MET B 1 15.87 -2.45 25.43
C MET B 1 15.25 -1.10 25.07
N LYS B 2 15.31 -0.76 23.79
CA LYS B 2 14.50 0.33 23.24
C LYS B 2 13.81 -0.17 21.96
N ILE B 3 12.68 -0.82 22.17
CA ILE B 3 11.79 -1.26 21.12
C ILE B 3 11.10 -0.06 20.47
N LYS B 4 11.33 0.14 19.16
CA LYS B 4 10.66 1.19 18.38
C LYS B 4 9.87 0.50 17.27
N GLY B 5 8.53 0.56 17.34
CA GLY B 5 7.71 -0.29 16.50
C GLY B 5 6.44 0.37 16.01
N VAL B 6 5.81 -0.30 15.03
CA VAL B 6 4.47 0.02 14.54
C VAL B 6 3.64 -1.24 14.57
N ASN B 7 2.32 -1.08 14.70
CA ASN B 7 1.39 -2.19 14.56
C ASN B 7 0.99 -2.40 13.10
N LEU B 8 0.81 -3.65 12.72
CA LEU B 8 0.27 -3.99 11.39
C LEU B 8 -1.23 -4.28 11.46
N GLY B 9 -1.98 -3.37 12.08
CA GLY B 9 -3.39 -3.59 12.27
C GLY B 9 -4.14 -3.60 10.95
N ASN B 10 -5.33 -4.21 10.99
CA ASN B 10 -6.22 -4.41 9.84
C ASN B 10 -5.64 -5.34 8.78
N TRP B 11 -4.50 -5.99 9.02
CA TRP B 11 -3.92 -6.91 8.03
C TRP B 11 -4.56 -8.28 8.15
N LEU B 12 -4.19 -9.02 9.19
CA LEU B 12 -4.73 -10.36 9.33
C LEU B 12 -5.98 -10.37 10.19
N VAL B 13 -6.18 -9.30 10.96
CA VAL B 13 -7.28 -9.12 11.89
C VAL B 13 -8.01 -7.87 11.47
N LEU B 14 -9.19 -8.01 10.90
CA LEU B 14 -9.82 -6.83 10.34
C LEU B 14 -10.34 -5.91 11.45
N GLU B 15 -10.29 -4.59 11.19
CA GLU B 15 -11.10 -3.61 11.91
C GLU B 15 -11.79 -2.76 10.89
N LYS B 16 -13.13 -2.79 10.91
CA LYS B 16 -13.94 -2.25 9.82
C LYS B 16 -13.60 -0.81 9.48
N TRP B 17 -13.48 0.06 10.49
CA TRP B 17 -13.37 1.48 10.18
C TRP B 17 -12.14 1.84 9.37
N MET B 18 -11.13 0.95 9.32
CA MET B 18 -9.86 1.27 8.69
C MET B 18 -9.82 0.99 7.19
N SER B 19 -10.74 0.20 6.65
CA SER B 19 -10.89 0.06 5.20
C SER B 19 -12.31 -0.38 4.93
N SER B 20 -12.95 0.26 3.95
CA SER B 20 -14.36 0.00 3.68
C SER B 20 -14.59 -1.08 2.62
N ALA B 21 -13.63 -1.26 1.70
CA ALA B 21 -13.90 -2.02 0.50
C ALA B 21 -14.31 -3.46 0.81
N ILE B 22 -13.56 -4.15 1.68
CA ILE B 22 -13.84 -5.57 1.94
C ILE B 22 -15.24 -5.77 2.50
N TRP B 23 -15.80 -4.75 3.18
CA TRP B 23 -17.10 -4.84 3.81
C TRP B 23 -18.28 -4.60 2.87
N GLU B 24 -18.03 -4.08 1.66
CA GLU B 24 -19.12 -3.55 0.86
C GLU B 24 -20.08 -4.66 0.46
N GLY B 25 -21.34 -4.27 0.32
CA GLY B 25 -22.38 -5.22 0.00
C GLY B 25 -22.78 -6.12 1.16
N THR B 26 -22.43 -5.76 2.39
CA THR B 26 -22.83 -6.55 3.55
C THR B 26 -23.12 -5.65 4.72
N ASP B 27 -23.92 -6.17 5.65
CA ASP B 27 -24.30 -5.47 6.85
C ASP B 27 -23.39 -5.80 8.02
N ALA B 28 -22.31 -6.55 7.78
CA ALA B 28 -21.46 -7.03 8.86
C ALA B 28 -20.64 -5.89 9.44
N GLU B 29 -20.55 -5.85 10.78
CA GLU B 29 -19.74 -4.86 11.46
C GLU B 29 -18.45 -5.43 12.05
N ASP B 30 -18.20 -6.74 11.92
CA ASP B 30 -17.01 -7.34 12.52
C ASP B 30 -16.59 -8.56 11.71
N GLU B 31 -15.48 -9.19 12.14
CA GLU B 31 -14.84 -10.28 11.40
C GLU B 31 -15.71 -11.53 11.37
N TYR B 32 -16.46 -11.78 12.44
CA TYR B 32 -17.22 -13.02 12.57
C TYR B 32 -18.36 -13.11 11.53
N TYR B 33 -19.02 -11.98 11.23
CA TYR B 33 -20.20 -12.01 10.38
C TYR B 33 -19.92 -11.62 8.93
N LEU B 34 -18.69 -11.20 8.63
CA LEU B 34 -18.32 -10.89 7.24
C LEU B 34 -18.53 -12.09 6.33
N PRO B 35 -18.00 -13.29 6.62
CA PRO B 35 -18.30 -14.45 5.76
C PRO B 35 -19.77 -14.85 5.75
N ARG B 36 -20.54 -14.47 6.76
CA ARG B 36 -21.96 -14.79 6.80
C ARG B 36 -22.79 -13.88 5.91
N GLY B 37 -22.19 -12.87 5.28
CA GLY B 37 -22.88 -12.00 4.35
C GLY B 37 -22.46 -12.14 2.90
N LEU B 38 -21.69 -13.18 2.55
CA LEU B 38 -21.04 -13.24 1.25
C LEU B 38 -20.98 -14.68 0.78
N ASP B 39 -21.22 -14.89 -0.52
CA ASP B 39 -20.87 -16.17 -1.11
CA ASP B 39 -20.88 -16.18 -1.11
C ASP B 39 -19.46 -16.55 -0.71
N SER B 40 -19.22 -17.85 -0.52
CA SER B 40 -17.95 -18.26 0.05
C SER B 40 -16.79 -17.89 -0.87
N LYS B 41 -16.97 -17.98 -2.18
CA LYS B 41 -15.80 -17.65 -2.98
C LYS B 41 -15.70 -16.15 -3.25
N VAL B 42 -16.74 -15.38 -2.97
CA VAL B 42 -16.55 -13.94 -2.90
C VAL B 42 -15.73 -13.59 -1.65
N TYR B 43 -16.11 -14.16 -0.49
CA TYR B 43 -15.38 -13.91 0.75
C TYR B 43 -13.89 -14.29 0.61
N GLU B 44 -13.62 -15.44 0.01
CA GLU B 44 -12.23 -15.85 -0.18
C GLU B 44 -11.50 -14.93 -1.17
N ALA B 45 -12.22 -14.43 -2.19
CA ALA B 45 -11.60 -13.53 -3.14
C ALA B 45 -11.23 -12.20 -2.47
N ARG B 46 -12.12 -11.64 -1.66
CA ARG B 46 -11.77 -10.39 -1.01
C ARG B 46 -10.66 -10.61 0.01
N ILE B 47 -10.81 -11.64 0.87
CA ILE B 47 -9.80 -11.87 1.91
C ILE B 47 -8.41 -12.03 1.30
N LYS B 48 -8.30 -12.85 0.24
CA LYS B 48 -6.98 -13.19 -0.30
C LYS B 48 -6.34 -11.98 -1.00
N MET B 49 -7.15 -11.16 -1.69
CA MET B 49 -6.63 -9.92 -2.26
C MET B 49 -6.18 -8.96 -1.16
N HIS B 50 -6.97 -8.89 -0.09
CA HIS B 50 -6.65 -7.94 0.98
C HIS B 50 -5.31 -8.29 1.64
N ARG B 51 -5.17 -9.53 2.10
CA ARG B 51 -3.94 -9.91 2.77
C ARG B 51 -2.75 -9.81 1.83
N ALA B 52 -2.96 -10.07 0.55
CA ALA B 52 -1.87 -9.96 -0.41
C ALA B 52 -1.39 -8.53 -0.56
N GLU B 53 -2.31 -7.57 -0.56
CA GLU B 53 -1.96 -6.19 -0.91
C GLU B 53 -1.74 -5.28 0.29
N TYR B 54 -2.41 -5.53 1.42
CA TYR B 54 -2.37 -4.58 2.52
C TYR B 54 -0.97 -4.46 3.13
N ILE B 55 -0.30 -5.60 3.32
CA ILE B 55 1.07 -5.66 3.83
C ILE B 55 1.89 -6.56 2.91
N SER B 56 3.01 -6.03 2.42
CA SER B 56 3.90 -6.82 1.57
C SER B 56 5.31 -6.36 1.87
N GLU B 57 6.29 -6.98 1.19
CA GLU B 57 7.69 -6.74 1.50
C GLU B 57 8.05 -5.25 1.42
N ARG B 58 7.40 -4.48 0.53
CA ARG B 58 7.76 -3.07 0.41
C ARG B 58 7.48 -2.29 1.71
N ASP B 59 6.43 -2.69 2.44
CA ASP B 59 6.11 -2.04 3.72
C ASP B 59 7.16 -2.31 4.79
N PHE B 60 7.82 -3.46 4.76
CA PHE B 60 8.88 -3.68 5.76
C PHE B 60 10.12 -2.84 5.44
N ALA B 61 10.41 -2.65 4.15
CA ALA B 61 11.41 -1.67 3.74
C ALA B 61 11.10 -0.27 4.28
N ARG B 62 9.85 0.17 4.12
CA ARG B 62 9.45 1.48 4.62
C ARG B 62 9.64 1.59 6.13
N ILE B 63 9.09 0.64 6.87
CA ILE B 63 9.19 0.66 8.33
C ILE B 63 10.64 0.74 8.79
N LYS B 64 11.55 -0.01 8.15
CA LYS B 64 12.96 0.08 8.53
C LYS B 64 13.53 1.44 8.17
N ALA B 65 13.06 2.02 7.07
CA ALA B 65 13.58 3.28 6.56
C ALA B 65 13.18 4.45 7.46
N MET B 66 12.02 4.36 8.10
CA MET B 66 11.57 5.36 9.09
C MET B 66 12.26 5.26 10.46
N GLY B 67 13.08 4.23 10.70
CA GLY B 67 13.85 4.14 11.94
C GLY B 67 13.37 3.11 12.94
N PHE B 68 12.26 2.44 12.67
CA PHE B 68 11.72 1.47 13.60
C PHE B 68 12.53 0.17 13.56
N ASN B 69 12.54 -0.54 14.69
CA ASN B 69 13.21 -1.83 14.78
C ASN B 69 12.28 -3.00 15.04
N SER B 70 11.00 -2.77 15.31
CA SER B 70 10.08 -3.86 15.59
C SER B 70 8.73 -3.56 14.96
N VAL B 71 7.92 -4.60 14.83
CA VAL B 71 6.54 -4.52 14.39
C VAL B 71 5.74 -5.47 15.25
N ARG B 72 4.49 -5.13 15.50
CA ARG B 72 3.58 -5.95 16.30
C ARG B 72 2.45 -6.37 15.39
N ILE B 73 2.29 -7.67 15.20
CA ILE B 73 1.36 -8.19 14.21
C ILE B 73 0.16 -8.80 14.94
N PRO B 74 -1.00 -8.15 14.93
CA PRO B 74 -2.21 -8.80 15.43
C PRO B 74 -2.61 -9.92 14.48
N ILE B 75 -2.80 -11.12 15.02
CA ILE B 75 -3.18 -12.27 14.20
C ILE B 75 -4.45 -12.85 14.82
N PRO B 76 -5.25 -13.57 14.02
CA PRO B 76 -6.49 -14.15 14.53
C PRO B 76 -6.32 -15.56 15.05
N TYR B 77 -7.27 -15.98 15.87
CA TYR B 77 -7.25 -17.32 16.44
C TYR B 77 -7.40 -18.41 15.40
N PHE B 78 -7.89 -18.08 14.19
CA PHE B 78 -8.12 -19.08 13.14
C PHE B 78 -6.93 -19.20 12.18
N ILE B 79 -5.76 -18.70 12.58
CA ILE B 79 -4.66 -18.48 11.65
C ILE B 79 -4.17 -19.79 11.00
N TYR B 80 -4.31 -20.94 11.66
CA TYR B 80 -3.85 -22.20 11.06
C TYR B 80 -4.85 -22.77 10.05
N GLY B 81 -6.01 -22.15 9.88
CA GLY B 81 -6.92 -22.59 8.85
C GLY B 81 -7.87 -23.69 9.28
N ASP B 82 -8.10 -23.84 10.59
CA ASP B 82 -8.81 -24.99 11.14
C ASP B 82 -10.17 -24.62 11.69
N ARG B 83 -10.60 -23.37 11.54
CA ARG B 83 -11.89 -22.89 12.05
C ARG B 83 -12.70 -22.28 10.91
N ALA B 84 -13.58 -23.08 10.34
CA ALA B 84 -14.41 -22.59 9.25
C ALA B 84 -15.48 -21.64 9.80
N PRO B 85 -15.95 -20.69 8.99
CA PRO B 85 -15.58 -20.43 7.59
C PRO B 85 -14.39 -19.47 7.37
N PHE B 86 -13.60 -19.19 8.41
CA PHE B 86 -12.49 -18.25 8.27
C PHE B 86 -11.29 -18.90 7.57
N ILE B 87 -10.46 -18.05 6.97
CA ILE B 87 -9.40 -18.49 6.06
C ILE B 87 -8.06 -18.33 6.76
N GLY B 88 -7.28 -19.41 6.81
CA GLY B 88 -6.00 -19.38 7.49
C GLY B 88 -5.05 -18.40 6.84
N CYS B 89 -3.98 -18.05 7.57
CA CYS B 89 -2.99 -17.10 7.08
C CYS B 89 -1.61 -17.38 7.67
N ILE B 90 -1.30 -18.67 7.87
CA ILE B 90 0.04 -18.97 8.36
C ILE B 90 1.10 -18.55 7.35
N ASP B 91 0.77 -18.61 6.05
CA ASP B 91 1.74 -18.24 5.04
C ASP B 91 2.09 -16.75 5.12
N GLU B 92 1.09 -15.90 5.33
CA GLU B 92 1.34 -14.46 5.48
C GLU B 92 2.24 -14.17 6.66
N LEU B 93 2.06 -14.89 7.77
CA LEU B 93 2.93 -14.68 8.92
C LEU B 93 4.32 -15.21 8.66
N ASP B 94 4.43 -16.35 7.96
CA ASP B 94 5.75 -16.86 7.56
C ASP B 94 6.51 -15.83 6.75
N ARG B 95 5.87 -15.25 5.71
CA ARG B 95 6.58 -14.29 4.86
C ARG B 95 6.90 -13.00 5.61
N ALA B 96 6.03 -12.60 6.54
CA ALA B 96 6.32 -11.42 7.34
C ALA B 96 7.63 -11.60 8.11
N PHE B 97 7.83 -12.77 8.72
CA PHE B 97 9.13 -13.11 9.29
C PHE B 97 10.25 -12.98 8.26
N SER B 98 10.10 -13.59 7.07
CA SER B 98 11.15 -13.47 6.05
C SER B 98 11.44 -12.00 5.70
N TRP B 99 10.42 -11.13 5.71
CA TRP B 99 10.64 -9.71 5.43
C TRP B 99 11.25 -8.98 6.63
N ALA B 100 10.75 -9.26 7.84
CA ALA B 100 11.40 -8.74 9.04
C ALA B 100 12.87 -9.11 9.07
N GLU B 101 13.20 -10.37 8.79
CA GLU B 101 14.59 -10.79 8.87
C GLU B 101 15.46 -10.08 7.83
N LYS B 102 14.96 -9.95 6.58
CA LYS B 102 15.72 -9.22 5.56
C LYS B 102 16.07 -7.80 6.00
N TYR B 103 15.15 -7.12 6.70
CA TYR B 103 15.35 -5.71 7.03
C TYR B 103 15.86 -5.50 8.46
N ASP B 104 16.26 -6.57 9.14
CA ASP B 104 16.73 -6.53 10.53
C ASP B 104 15.72 -5.83 11.44
N LEU B 105 14.47 -6.31 11.37
CA LEU B 105 13.37 -5.97 12.26
C LEU B 105 12.94 -7.21 13.07
N LYS B 106 12.27 -6.99 14.19
CA LYS B 106 11.74 -8.13 14.92
C LYS B 106 10.23 -8.01 15.07
N ILE B 107 9.59 -9.15 15.32
CA ILE B 107 8.13 -9.29 15.25
C ILE B 107 7.61 -9.72 16.60
N LEU B 108 6.62 -9.00 17.11
CA LEU B 108 5.85 -9.40 18.28
C LEU B 108 4.53 -9.99 17.76
N ILE B 109 4.35 -11.30 17.89
CA ILE B 109 3.08 -11.92 17.51
C ILE B 109 2.08 -11.56 18.59
N ASP B 110 1.03 -10.85 18.23
CA ASP B 110 -0.03 -10.48 19.16
C ASP B 110 -1.27 -11.27 18.77
N LEU B 111 -1.68 -12.20 19.65
CA LEU B 111 -2.92 -12.96 19.47
C LEU B 111 -4.06 -12.03 19.82
N HIS B 112 -4.77 -11.54 18.80
CA HIS B 112 -5.66 -10.40 18.94
C HIS B 112 -7.13 -10.80 19.11
N THR B 113 -7.55 -11.94 18.56
CA THR B 113 -8.94 -12.37 18.64
C THR B 113 -8.98 -13.83 19.09
N VAL B 114 -9.94 -14.15 19.95
CA VAL B 114 -10.10 -15.51 20.46
C VAL B 114 -11.53 -15.99 20.21
N PRO B 115 -11.75 -17.28 20.05
CA PRO B 115 -13.14 -17.76 19.89
C PRO B 115 -14.07 -17.26 20.98
N MET B 116 -15.12 -16.55 20.57
CA MET B 116 -16.20 -15.98 21.37
C MET B 116 -15.78 -14.75 22.19
N SER B 117 -14.54 -14.25 22.02
CA SER B 117 -14.09 -12.91 22.38
C SER B 117 -13.66 -12.77 23.84
N GLN B 118 -12.66 -11.93 24.06
CA GLN B 118 -12.21 -11.61 25.39
C GLN B 118 -12.55 -10.19 25.81
N ASN B 119 -13.19 -9.42 24.94
CA ASN B 119 -13.56 -8.07 25.31
C ASN B 119 -14.93 -7.60 24.86
N GLY B 120 -15.41 -8.17 23.79
CA GLY B 120 -16.68 -7.78 23.21
C GLY B 120 -16.55 -6.63 22.26
N PHE B 121 -15.35 -6.11 22.09
CA PHE B 121 -15.09 -5.04 21.14
C PHE B 121 -15.19 -5.57 19.72
N ASP B 122 -15.57 -4.68 18.78
CA ASP B 122 -15.49 -5.07 17.38
C ASP B 122 -14.05 -5.39 16.98
N ASN B 123 -13.06 -4.66 17.55
CA ASN B 123 -11.64 -5.02 17.43
C ASN B 123 -11.42 -6.52 17.65
N GLY B 124 -12.14 -7.10 18.61
CA GLY B 124 -12.00 -8.50 18.93
C GLY B 124 -12.68 -9.46 17.99
N GLY B 125 -13.39 -8.95 16.99
CA GLY B 125 -13.95 -9.77 15.93
C GLY B 125 -15.37 -10.23 16.14
N LEU B 126 -15.93 -10.06 17.34
CA LEU B 126 -17.31 -10.48 17.60
C LEU B 126 -17.95 -9.45 18.53
N SER B 127 -18.80 -8.59 17.96
CA SER B 127 -19.34 -7.43 18.68
C SER B 127 -20.29 -7.88 19.78
N GLY B 128 -20.13 -7.30 20.98
CA GLY B 128 -21.11 -7.48 22.02
C GLY B 128 -21.10 -8.82 22.71
N VAL B 129 -20.29 -9.77 22.26
CA VAL B 129 -20.17 -11.07 22.89
C VAL B 129 -18.80 -11.16 23.53
N CYS B 130 -18.77 -11.72 24.74
CA CYS B 130 -17.50 -11.83 25.45
C CYS B 130 -17.60 -13.04 26.37
N LYS B 131 -17.20 -14.21 25.83
CA LYS B 131 -17.48 -15.50 26.45
C LYS B 131 -16.33 -16.49 26.29
N TRP B 132 -15.18 -16.07 25.75
CA TRP B 132 -14.07 -17.01 25.56
C TRP B 132 -13.61 -17.60 26.88
N ALA B 133 -13.38 -16.75 27.87
CA ALA B 133 -12.90 -17.17 29.18
C ALA B 133 -13.92 -18.01 29.94
N GLN B 134 -15.17 -18.05 29.52
CA GLN B 134 -16.14 -18.94 30.14
C GLN B 134 -16.18 -20.33 29.52
N ILE B 135 -15.58 -20.50 28.33
CA ILE B 135 -15.64 -21.75 27.56
C ILE B 135 -14.30 -22.49 27.58
N PRO B 136 -14.15 -23.51 28.43
CA PRO B 136 -12.83 -24.16 28.54
C PRO B 136 -12.39 -24.88 27.28
N GLU B 137 -13.30 -25.25 26.38
CA GLU B 137 -12.85 -25.77 25.08
C GLU B 137 -12.06 -24.71 24.31
N GLU B 138 -12.53 -23.45 24.32
CA GLU B 138 -11.87 -22.43 23.50
C GLU B 138 -10.63 -21.86 24.17
N VAL B 139 -10.57 -21.86 25.51
CA VAL B 139 -9.36 -21.48 26.23
C VAL B 139 -8.23 -22.46 25.89
N ASP B 140 -8.53 -23.75 25.96
CA ASP B 140 -7.56 -24.77 25.58
CA ASP B 140 -7.52 -24.73 25.60
C ASP B 140 -7.17 -24.65 24.11
N PHE B 141 -8.15 -24.36 23.24
CA PHE B 141 -7.82 -24.16 21.84
C PHE B 141 -6.75 -23.08 21.71
N VAL B 142 -6.97 -21.93 22.35
CA VAL B 142 -5.97 -20.85 22.31
C VAL B 142 -4.63 -21.31 22.88
N LEU B 143 -4.64 -22.09 23.97
CA LEU B 143 -3.37 -22.54 24.54
C LEU B 143 -2.62 -23.45 23.56
N ASN B 144 -3.32 -24.29 22.81
CA ASN B 144 -2.63 -25.09 21.80
C ASN B 144 -2.08 -24.20 20.68
N LEU B 145 -2.83 -23.16 20.30
CA LEU B 145 -2.41 -22.26 19.23
C LEU B 145 -1.10 -21.56 19.58
N LEU B 146 -1.00 -20.96 20.79
CA LEU B 146 0.23 -20.32 21.21
C LEU B 146 1.39 -21.32 21.28
N GLU B 147 1.10 -22.59 21.58
CA GLU B 147 2.16 -23.58 21.61
C GLU B 147 2.69 -23.87 20.21
N LYS B 148 1.77 -24.04 19.25
CA LYS B 148 2.21 -24.25 17.86
C LYS B 148 2.96 -23.05 17.32
N LEU B 149 2.56 -21.84 17.74
CA LEU B 149 3.25 -20.63 17.30
C LEU B 149 4.64 -20.52 17.94
N ALA B 150 4.74 -20.83 19.24
CA ALA B 150 6.05 -20.79 19.88
C ALA B 150 7.01 -21.78 19.22
N LYS B 151 6.55 -23.02 18.97
CA LYS B 151 7.42 -24.00 18.31
C LYS B 151 7.77 -23.59 16.87
N ARG B 152 6.85 -22.92 16.17
CA ARG B 152 7.12 -22.52 14.79
C ARG B 152 8.21 -21.44 14.72
N TYR B 153 8.11 -20.40 15.56
CA TYR B 153 8.89 -19.18 15.40
C TYR B 153 9.89 -18.93 16.53
N GLY B 154 9.97 -19.82 17.51
CA GLY B 154 10.69 -19.56 18.75
C GLY B 154 12.20 -19.43 18.60
N LYS B 155 12.78 -19.95 17.52
CA LYS B 155 14.22 -19.80 17.28
C LYS B 155 14.55 -18.81 16.18
N ARG B 156 13.54 -18.25 15.49
CA ARG B 156 13.73 -17.33 14.37
C ARG B 156 14.38 -16.03 14.80
N LYS B 157 15.53 -15.71 14.21
CA LYS B 157 16.21 -14.43 14.36
C LYS B 157 15.23 -13.26 14.51
N GLY B 158 14.13 -13.26 13.75
CA GLY B 158 13.20 -12.14 13.74
C GLY B 158 12.10 -12.18 14.78
N LEU B 159 12.15 -13.09 15.74
CA LEU B 159 11.12 -13.15 16.77
C LEU B 159 11.55 -12.29 17.95
N LEU B 160 10.75 -11.28 18.26
CA LEU B 160 10.91 -10.54 19.50
C LEU B 160 10.24 -11.29 20.65
N GLY B 161 8.96 -11.61 20.48
CA GLY B 161 8.25 -12.38 21.46
C GLY B 161 6.86 -12.70 20.99
N ILE B 162 6.03 -13.14 21.95
CA ILE B 162 4.66 -13.57 21.69
C ILE B 162 3.77 -13.02 22.79
N GLU B 163 2.64 -12.42 22.40
CA GLU B 163 1.68 -11.83 23.33
C GLU B 163 0.46 -12.73 23.39
N PRO B 164 0.22 -13.46 24.50
CA PRO B 164 -0.79 -14.53 24.46
C PRO B 164 -2.20 -14.04 24.22
N ILE B 165 -2.54 -12.80 24.56
CA ILE B 165 -3.88 -12.29 24.33
C ILE B 165 -3.86 -10.77 24.43
N ASN B 166 -4.56 -10.13 23.48
CA ASN B 166 -4.75 -8.68 23.47
C ASN B 166 -6.02 -8.32 24.25
N GLU B 167 -5.90 -7.27 25.08
CA GLU B 167 -7.03 -6.56 25.65
C GLU B 167 -8.13 -7.43 26.30
N PRO B 168 -7.76 -8.39 27.15
CA PRO B 168 -8.79 -9.09 27.94
C PRO B 168 -9.47 -8.10 28.86
N VAL B 169 -10.79 -7.95 28.70
CA VAL B 169 -11.52 -6.86 29.33
C VAL B 169 -11.68 -7.13 30.81
N SER B 170 -11.51 -6.08 31.60
CA SER B 170 -11.64 -6.12 33.05
C SER B 170 -13.04 -5.70 33.48
N GLU B 171 -13.37 -6.00 34.74
CA GLU B 171 -14.70 -5.68 35.25
C GLU B 171 -14.99 -4.19 35.13
N GLU B 172 -14.00 -3.35 35.46
CA GLU B 172 -14.23 -1.91 35.41
C GLU B 172 -14.39 -1.44 33.96
N MET B 173 -13.54 -1.94 33.06
CA MET B 173 -13.60 -1.54 31.66
C MET B 173 -14.89 -2.02 31.01
N TRP B 174 -15.39 -3.17 31.44
CA TRP B 174 -16.61 -3.74 30.85
C TRP B 174 -17.84 -2.92 31.24
N ASN B 175 -17.95 -2.52 32.50
CA ASN B 175 -19.12 -1.75 32.95
C ASN B 175 -19.02 -0.28 32.55
N ASP B 176 -17.82 0.29 32.59
CA ASP B 176 -17.66 1.72 32.31
C ASP B 176 -17.94 2.05 30.85
N MET B 177 -17.47 1.22 29.92
CA MET B 177 -17.65 1.54 28.51
C MET B 177 -18.97 1.03 27.94
N GLY B 178 -19.82 0.41 28.76
CA GLY B 178 -21.08 -0.15 28.31
C GLY B 178 -20.94 -0.95 27.03
N VAL B 179 -20.09 -1.98 27.04
CA VAL B 179 -19.61 -2.59 25.79
C VAL B 179 -20.76 -3.02 24.90
N GLN B 180 -21.78 -3.66 25.48
CA GLN B 180 -22.76 -4.29 24.60
C GLN B 180 -23.77 -3.32 23.99
N LYS B 181 -23.78 -2.02 24.34
CA LYS B 181 -24.46 -1.05 23.48
C LYS B 181 -23.48 -0.42 22.48
N ARG B 182 -22.22 -0.10 22.87
CA ARG B 182 -21.29 0.45 21.87
C ARG B 182 -21.14 -0.47 20.68
N TYR B 183 -20.96 -1.76 20.95
CA TYR B 183 -20.83 -2.76 19.91
C TYR B 183 -22.01 -3.72 20.06
N PRO B 184 -23.12 -3.43 19.40
CA PRO B 184 -24.32 -4.25 19.58
C PRO B 184 -24.13 -5.67 19.08
N PRO B 185 -24.56 -6.66 19.87
CA PRO B 185 -24.54 -8.05 19.40
C PRO B 185 -25.68 -8.35 18.44
N LEU B 186 -25.36 -9.08 17.38
CA LEU B 186 -26.38 -9.43 16.40
C LEU B 186 -27.23 -10.59 16.90
N ASP B 187 -26.62 -11.57 17.55
CA ASP B 187 -27.32 -12.73 18.09
C ASP B 187 -27.48 -12.50 19.59
N LYS B 188 -28.66 -12.02 20.01
CA LYS B 188 -28.81 -11.55 21.38
C LYS B 188 -28.69 -12.68 22.38
N GLU B 189 -29.10 -13.91 22.02
CA GLU B 189 -28.91 -15.07 22.88
C GLU B 189 -27.47 -15.58 22.85
N MET B 190 -26.72 -15.33 21.79
CA MET B 190 -25.30 -15.59 21.86
C MET B 190 -24.63 -14.65 22.85
N ALA B 191 -25.15 -13.44 23.02
CA ALA B 191 -24.49 -12.45 23.86
C ALA B 191 -24.73 -12.67 25.35
N GLU B 192 -25.91 -13.15 25.72
CA GLU B 192 -26.34 -13.13 27.12
C GLU B 192 -25.52 -14.08 28.00
N GLY B 193 -25.09 -13.58 29.14
CA GLY B 193 -24.18 -14.32 29.98
C GLY B 193 -22.71 -14.02 29.76
N SER B 194 -22.39 -13.13 28.82
CA SER B 194 -21.01 -12.65 28.72
C SER B 194 -20.59 -12.07 30.06
N ALA B 195 -19.32 -12.24 30.38
CA ALA B 195 -18.76 -11.79 31.64
C ALA B 195 -17.37 -11.25 31.38
N PRO B 196 -16.89 -10.34 32.21
CA PRO B 196 -15.53 -9.83 32.07
C PRO B 196 -14.55 -10.85 32.63
N ILE B 197 -13.26 -10.54 32.49
CA ILE B 197 -12.19 -11.43 32.88
C ILE B 197 -11.62 -10.91 34.18
N SER B 198 -11.69 -11.71 35.24
CA SER B 198 -11.12 -11.29 36.52
C SER B 198 -9.60 -11.40 36.48
N PHE B 199 -8.95 -10.60 37.32
CA PHE B 199 -7.49 -10.56 37.39
C PHE B 199 -6.92 -11.94 37.75
N GLU B 200 -7.58 -12.66 38.66
CA GLU B 200 -7.06 -13.96 39.09
C GLU B 200 -7.24 -15.00 38.00
N TRP B 201 -8.32 -14.91 37.23
CA TRP B 201 -8.47 -15.81 36.10
C TRP B 201 -7.42 -15.50 35.04
N LEU B 202 -7.20 -14.22 34.74
CA LEU B 202 -6.16 -13.83 33.80
C LEU B 202 -4.80 -14.35 34.23
N LYS B 203 -4.48 -14.28 35.53
CA LYS B 203 -3.18 -14.75 36.00
C LYS B 203 -3.02 -16.26 35.78
N GLY B 204 -4.07 -17.03 36.01
CA GLY B 204 -3.99 -18.45 35.73
C GLY B 204 -3.75 -18.73 34.25
N PHE B 205 -4.52 -18.08 33.39
CA PHE B 205 -4.29 -18.18 31.95
C PHE B 205 -2.85 -17.84 31.58
N TYR B 206 -2.31 -16.74 32.12
CA TYR B 206 -0.92 -16.39 31.85
C TYR B 206 0.04 -17.49 32.34
N ASP B 207 -0.23 -18.10 33.49
CA ASP B 207 0.53 -19.27 33.93
C ASP B 207 0.54 -20.36 32.86
N LYS B 208 -0.65 -20.83 32.49
CA LYS B 208 -0.77 -21.82 31.43
C LYS B 208 -0.09 -21.35 30.14
N ALA B 209 -0.27 -20.07 29.80
CA ALA B 209 0.32 -19.57 28.56
C ALA B 209 1.84 -19.61 28.62
N ALA B 210 2.42 -19.26 29.78
CA ALA B 210 3.87 -19.33 29.92
C ALA B 210 4.36 -20.77 29.85
N ASP B 211 3.53 -21.73 30.28
CA ASP B 211 3.89 -23.14 30.19
C ASP B 211 4.02 -23.59 28.74
N ARG B 212 3.23 -23.00 27.83
CA ARG B 212 3.27 -23.41 26.43
C ARG B 212 4.29 -22.63 25.61
N ILE B 213 4.53 -21.37 25.98
CA ILE B 213 5.38 -20.48 25.18
C ILE B 213 6.84 -20.57 25.60
N LEU B 214 7.11 -20.40 26.90
CA LEU B 214 8.51 -20.30 27.34
C LEU B 214 9.34 -21.54 27.06
N PRO B 215 8.84 -22.77 27.22
CA PRO B 215 9.65 -23.95 26.85
C PRO B 215 10.03 -24.01 25.39
N ASN B 216 9.38 -23.23 24.53
CA ASN B 216 9.47 -23.41 23.09
C ASN B 216 10.04 -22.21 22.36
N ILE B 217 10.39 -21.14 23.05
CA ILE B 217 11.13 -20.05 22.46
C ILE B 217 12.55 -20.13 22.99
N ASP B 218 13.49 -19.50 22.29
CA ASP B 218 14.86 -19.54 22.77
C ASP B 218 15.05 -18.52 23.89
N ASP B 219 16.17 -18.66 24.60
CA ASP B 219 16.29 -18.00 25.90
C ASP B 219 16.39 -16.50 25.80
N ASP B 220 16.46 -15.93 24.59
CA ASP B 220 16.47 -14.50 24.40
C ASP B 220 15.15 -13.94 23.88
N LYS B 221 14.14 -14.77 23.63
CA LYS B 221 12.82 -14.27 23.24
C LYS B 221 11.96 -14.01 24.47
N TYR B 222 10.96 -13.16 24.29
CA TYR B 222 10.17 -12.61 25.37
C TYR B 222 8.74 -13.14 25.33
N ILE B 223 8.09 -13.17 26.48
CA ILE B 223 6.63 -13.26 26.51
C ILE B 223 6.09 -11.88 26.93
N VAL B 224 5.09 -11.40 26.20
CA VAL B 224 4.55 -10.07 26.40
C VAL B 224 3.11 -10.22 26.88
N PHE B 225 2.83 -9.67 28.06
CA PHE B 225 1.56 -9.80 28.76
C PHE B 225 0.81 -8.47 28.71
N HIS B 226 -0.39 -8.48 28.13
CA HIS B 226 -1.20 -7.28 28.21
C HIS B 226 -1.60 -7.03 29.66
N ASP B 227 -1.76 -5.75 30.02
CA ASP B 227 -2.02 -5.37 31.41
C ASP B 227 -3.48 -5.58 31.81
N GLY B 228 -4.32 -6.06 30.91
CA GLY B 228 -5.72 -6.27 31.22
C GLY B 228 -6.39 -5.01 31.75
N PHE B 229 -6.00 -3.84 31.23
CA PHE B 229 -6.53 -2.55 31.68
C PHE B 229 -6.34 -2.35 33.18
N ARG B 230 -5.26 -2.95 33.70
CA ARG B 230 -4.84 -2.86 35.10
C ARG B 230 -3.34 -2.57 35.08
N LEU B 231 -2.98 -1.32 34.77
CA LEU B 231 -1.58 -0.97 34.52
C LEU B 231 -0.69 -1.27 35.71
N HIS B 232 -1.22 -1.12 36.92
CA HIS B 232 -0.43 -1.19 38.14
C HIS B 232 -0.62 -2.47 38.92
N ALA B 233 -1.25 -3.49 38.36
CA ALA B 233 -1.61 -4.66 39.16
C ALA B 233 -0.63 -5.82 39.04
N TRP B 234 0.52 -5.63 38.40
CA TRP B 234 1.31 -6.78 37.95
C TRP B 234 2.66 -6.94 38.63
N GLU B 235 2.96 -6.19 39.70
CA GLU B 235 4.31 -6.28 40.25
C GLU B 235 4.59 -7.66 40.84
N GLU B 236 3.67 -8.18 41.65
CA GLU B 236 3.91 -9.48 42.25
C GLU B 236 4.01 -10.55 41.17
N TYR B 237 3.07 -10.53 40.22
CA TYR B 237 3.01 -11.60 39.24
C TYR B 237 4.21 -11.57 38.29
N LEU B 238 4.64 -10.38 37.86
CA LEU B 238 5.66 -10.35 36.83
C LEU B 238 7.08 -10.42 37.38
N THR B 239 7.26 -10.37 38.70
CA THR B 239 8.58 -10.50 39.31
C THR B 239 8.85 -11.90 39.84
N GLN B 240 8.02 -12.89 39.50
CA GLN B 240 8.36 -14.28 39.81
C GLN B 240 9.67 -14.69 39.14
N ASP B 241 10.34 -15.67 39.73
CA ASP B 241 11.69 -16.04 39.28
CA ASP B 241 11.68 -16.05 39.29
C ASP B 241 11.67 -16.55 37.85
N ARG B 242 10.61 -17.23 37.44
CA ARG B 242 10.60 -17.76 36.08
C ARG B 242 10.48 -16.66 35.03
N TYR B 243 10.04 -15.47 35.40
CA TYR B 243 9.83 -14.38 34.46
C TYR B 243 10.99 -13.40 34.40
N LYS B 244 11.90 -13.41 35.38
CA LYS B 244 12.99 -12.44 35.40
C LYS B 244 13.83 -12.53 34.13
N GLY B 245 13.90 -11.42 33.39
CA GLY B 245 14.61 -11.33 32.13
C GLY B 245 13.79 -11.69 30.91
N ARG B 246 12.55 -12.16 31.09
CA ARG B 246 11.84 -12.88 30.06
C ARG B 246 10.49 -12.28 29.70
N VAL B 247 10.08 -11.18 30.31
CA VAL B 247 8.72 -10.71 30.15
C VAL B 247 8.69 -9.20 29.95
N ILE B 248 7.75 -8.75 29.13
CA ILE B 248 7.40 -7.35 28.94
C ILE B 248 5.92 -7.19 29.24
N LEU B 249 5.53 -6.07 29.84
CA LEU B 249 4.14 -5.73 30.03
C LEU B 249 3.70 -4.75 28.95
N ASP B 250 2.51 -4.96 28.41
CA ASP B 250 1.97 -4.17 27.31
C ASP B 250 0.83 -3.31 27.83
N THR B 251 0.96 -2.00 27.70
CA THR B 251 -0.10 -1.09 28.12
C THR B 251 -0.46 -0.18 26.96
N HIS B 252 -1.76 -0.04 26.71
CA HIS B 252 -2.27 0.74 25.60
C HIS B 252 -2.70 2.09 26.14
N GLN B 253 -2.11 3.16 25.62
CA GLN B 253 -2.26 4.49 26.19
C GLN B 253 -2.60 5.48 25.09
N TYR B 254 -3.81 6.03 25.12
CA TYR B 254 -4.36 6.85 24.04
C TYR B 254 -4.53 8.29 24.51
N LEU B 255 -3.89 9.22 23.80
CA LEU B 255 -3.87 10.64 24.19
C LEU B 255 -5.28 11.23 24.31
N MET B 256 -6.21 10.78 23.47
CA MET B 256 -7.58 11.28 23.49
C MET B 256 -8.23 11.19 24.87
N ILE B 257 -7.69 10.39 25.77
CA ILE B 257 -8.18 10.34 27.15
C ILE B 257 -8.12 11.74 27.78
N ALA B 258 -7.19 12.58 27.34
CA ALA B 258 -6.92 13.84 28.03
C ALA B 258 -8.10 14.78 27.98
N GLU B 259 -8.81 14.84 26.85
CA GLU B 259 -9.89 15.80 26.71
C GLU B 259 -11.15 15.34 27.43
N MET B 260 -11.27 14.02 27.64
CA MET B 260 -12.43 13.49 28.38
C MET B 260 -12.15 13.54 29.89
N LEU B 261 -10.88 13.67 30.32
CA LEU B 261 -10.60 14.19 31.66
C LEU B 261 -10.29 15.67 31.66
N GLY B 262 -10.63 16.35 30.58
CA GLY B 262 -10.75 17.79 30.56
C GLY B 262 -9.45 18.57 30.44
N CYS B 263 -8.46 18.04 29.74
CA CYS B 263 -7.30 18.83 29.34
C CYS B 263 -7.76 20.03 28.53
N GLU B 264 -7.23 21.21 28.85
CA GLU B 264 -7.45 22.34 27.95
C GLU B 264 -6.81 22.03 26.61
N GLN B 265 -7.44 22.49 25.56
CA GLN B 265 -7.01 22.18 24.20
C GLN B 265 -5.85 23.05 23.75
N THR B 266 -4.79 23.14 24.54
CA THR B 266 -3.56 23.78 24.11
C THR B 266 -2.47 22.73 23.94
N LEU B 267 -1.43 23.09 23.19
CA LEU B 267 -0.25 22.26 23.11
C LEU B 267 0.35 22.03 24.50
N GLU B 268 0.61 23.12 25.25
CA GLU B 268 1.28 22.97 26.54
C GLU B 268 0.42 22.20 27.54
N ALA B 269 -0.91 22.39 27.50
CA ALA B 269 -1.77 21.56 28.34
C ALA B 269 -1.61 20.08 28.01
N TYR B 270 -1.67 19.75 26.72
CA TYR B 270 -1.53 18.35 26.29
C TYR B 270 -0.20 17.75 26.75
N LYS B 271 0.89 18.53 26.68
CA LYS B 271 2.18 17.96 27.00
C LYS B 271 2.42 17.91 28.50
N THR B 272 1.71 18.73 29.27
CA THR B 272 1.68 18.47 30.71
C THR B 272 0.92 17.20 31.00
N PHE B 273 -0.15 16.93 30.25
CA PHE B 273 -0.89 15.70 30.42
C PHE B 273 -0.04 14.49 30.05
N ILE B 274 0.68 14.58 28.94
CA ILE B 274 1.57 13.48 28.56
C ILE B 274 2.62 13.24 29.64
N LYS B 275 3.20 14.32 30.20
CA LYS B 275 4.26 14.12 31.19
C LYS B 275 3.70 13.52 32.48
N GLU B 276 2.55 14.00 32.93
CA GLU B 276 2.05 13.67 34.26
C GLU B 276 1.23 12.40 34.30
N LYS B 277 0.40 12.14 33.29
CA LYS B 277 -0.45 10.96 33.32
C LYS B 277 0.10 9.79 32.52
N PHE B 278 0.97 10.04 31.56
CA PHE B 278 1.60 8.97 30.80
C PHE B 278 2.99 8.66 31.37
N GLU B 279 3.92 9.61 31.27
CA GLU B 279 5.29 9.32 31.66
C GLU B 279 5.41 9.09 33.17
N ASP B 280 4.94 10.04 33.98
CA ASP B 280 5.09 9.93 35.44
C ASP B 280 4.39 8.69 36.01
N GLU B 281 3.26 8.30 35.43
CA GLU B 281 2.55 7.11 35.91
C GLU B 281 3.18 5.81 35.41
N ILE B 282 3.58 5.74 34.14
CA ILE B 282 3.99 4.44 33.59
C ILE B 282 5.39 4.06 34.05
N THR B 283 6.26 5.04 34.33
CA THR B 283 7.61 4.71 34.79
C THR B 283 7.61 4.06 36.16
N LYS B 284 6.59 4.33 36.98
CA LYS B 284 6.42 3.57 38.23
C LYS B 284 6.41 2.08 37.94
N VAL B 285 5.73 1.68 36.87
CA VAL B 285 5.70 0.27 36.53
C VAL B 285 7.06 -0.19 36.02
N GLU B 286 7.69 0.62 35.14
CA GLU B 286 8.98 0.25 34.57
C GLU B 286 10.04 0.01 35.63
N LYS B 287 9.82 0.51 36.85
CA LYS B 287 10.72 0.22 37.96
C LYS B 287 10.91 -1.29 38.17
N TYR B 288 9.87 -2.07 37.94
CA TYR B 288 9.94 -3.49 38.27
C TYR B 288 9.60 -4.43 37.13
N VAL B 289 9.37 -3.92 35.91
CA VAL B 289 9.12 -4.77 34.74
C VAL B 289 9.21 -3.89 33.49
N PRO B 290 9.81 -4.39 32.40
CA PRO B 290 9.85 -3.61 31.16
C PRO B 290 8.45 -3.38 30.61
N VAL B 291 8.14 -2.14 30.28
CA VAL B 291 6.83 -1.76 29.79
C VAL B 291 7.00 -1.23 28.37
N VAL B 292 6.22 -1.77 27.43
CA VAL B 292 6.06 -1.18 26.11
C VAL B 292 4.62 -0.69 25.98
N VAL B 293 4.48 0.54 25.48
CA VAL B 293 3.17 1.08 25.11
C VAL B 293 2.87 0.54 23.72
N GLY B 294 2.15 -0.57 23.64
CA GLY B 294 2.00 -1.27 22.38
C GLY B 294 0.90 -0.77 21.49
N GLU B 295 0.09 0.16 22.00
CA GLU B 295 -0.87 0.91 21.21
C GLU B 295 -0.89 2.33 21.77
N TRP B 296 -0.56 3.29 20.91
CA TRP B 296 -0.80 4.72 21.17
C TRP B 296 -0.96 5.39 19.81
N CYS B 297 -1.45 6.63 19.81
CA CYS B 297 -1.55 7.40 18.58
C CYS B 297 -1.48 8.88 18.92
N ILE B 298 -1.63 9.71 17.88
CA ILE B 298 -1.62 11.16 18.05
C ILE B 298 -2.98 11.79 17.81
N PHE B 299 -4.03 10.97 17.67
CA PHE B 299 -5.36 11.51 17.47
C PHE B 299 -5.77 12.43 18.62
N ASN B 300 -6.54 13.46 18.30
CA ASN B 300 -6.90 14.47 19.28
C ASN B 300 -7.94 15.40 18.66
N SER B 301 -8.85 15.92 19.49
CA SER B 301 -10.00 16.67 18.99
C SER B 301 -9.68 18.11 18.59
N TYR B 302 -8.59 18.70 19.11
CA TYR B 302 -8.20 20.03 18.64
C TYR B 302 -8.02 20.06 17.13
N CYS B 303 -7.35 19.04 16.58
CA CYS B 303 -7.03 18.96 15.17
C CYS B 303 -8.21 18.57 14.31
N VAL B 304 -9.33 18.19 14.91
CA VAL B 304 -10.54 17.84 14.15
C VAL B 304 -11.43 19.06 13.96
N VAL B 326 -9.18 26.02 12.77
CA VAL B 326 -7.82 25.51 12.88
C VAL B 326 -7.28 25.22 11.50
N SER B 327 -6.24 25.95 11.11
CA SER B 327 -5.67 25.81 9.79
C SER B 327 -4.94 24.47 9.64
N ASP B 328 -4.72 24.07 8.37
CA ASP B 328 -3.89 22.90 8.07
C ASP B 328 -2.50 23.01 8.69
N GLU B 329 -1.84 24.16 8.49
CA GLU B 329 -0.51 24.38 9.06
C GLU B 329 -0.50 24.24 10.58
N GLU B 330 -1.50 24.81 11.27
CA GLU B 330 -1.42 24.71 12.73
C GLU B 330 -1.72 23.31 13.20
N LYS B 331 -2.56 22.57 12.47
CA LYS B 331 -2.81 21.19 12.87
CA LYS B 331 -2.80 21.20 12.87
C LYS B 331 -1.59 20.32 12.58
N ARG B 332 -0.78 20.68 11.59
CA ARG B 332 0.51 20.02 11.38
C ARG B 332 1.46 20.28 12.54
N LYS B 333 1.51 21.52 13.02
CA LYS B 333 2.38 21.86 14.15
C LYS B 333 1.99 21.10 15.39
N VAL B 334 0.69 20.94 15.62
CA VAL B 334 0.24 20.34 16.86
C VAL B 334 0.51 18.85 16.86
N TYR B 335 0.13 18.15 15.78
CA TYR B 335 0.43 16.74 15.63
C TYR B 335 1.91 16.47 15.86
N MET B 336 2.78 17.22 15.19
CA MET B 336 4.21 16.98 15.32
C MET B 336 4.65 17.11 16.77
N GLU B 337 4.18 18.15 17.48
CA GLU B 337 4.53 18.31 18.90
C GLU B 337 4.01 17.14 19.73
N LEU B 338 2.73 16.79 19.55
CA LEU B 338 2.18 15.64 20.25
C LEU B 338 2.93 14.35 19.92
N SER B 339 3.37 14.16 18.67
CA SER B 339 4.17 12.99 18.35
C SER B 339 5.48 13.02 19.12
N LYS B 340 6.20 14.14 19.04
CA LYS B 340 7.47 14.28 19.74
C LYS B 340 7.29 14.24 21.25
N ALA B 341 6.14 14.69 21.76
CA ALA B 341 5.91 14.71 23.20
C ALA B 341 5.74 13.30 23.75
N GLN B 342 5.03 12.43 23.02
CA GLN B 342 4.85 11.07 23.49
C GLN B 342 6.08 10.23 23.23
N LEU B 343 6.85 10.55 22.18
CA LEU B 343 8.06 9.80 21.93
C LEU B 343 9.08 10.03 23.05
N LYS B 344 9.13 11.24 23.60
CA LYS B 344 10.02 11.50 24.75
C LYS B 344 9.49 10.83 26.01
N ALA B 345 8.17 10.79 26.20
CA ALA B 345 7.63 9.97 27.29
C ALA B 345 8.06 8.52 27.15
N TRP B 346 8.00 8.00 25.94
CA TRP B 346 8.27 6.59 25.71
C TRP B 346 9.75 6.25 25.80
N ASP B 347 10.64 7.26 25.85
CA ASP B 347 12.07 6.96 25.94
C ASP B 347 12.50 6.58 27.35
N SER B 348 11.67 6.85 28.36
CA SER B 348 11.93 6.41 29.72
C SER B 348 11.26 5.08 30.04
N LEU B 349 10.77 4.39 29.02
CA LEU B 349 10.23 3.05 29.15
C LEU B 349 11.06 2.12 28.24
N SER B 350 10.55 0.91 28.04
CA SER B 350 11.27 -0.03 27.19
C SER B 350 10.85 0.04 25.73
N GLY B 351 9.80 0.75 25.40
CA GLY B 351 9.48 0.94 24.00
C GLY B 351 8.00 1.17 23.75
N TYR B 352 7.65 1.14 22.47
CA TYR B 352 6.30 1.47 22.04
C TYR B 352 6.03 0.77 20.72
N PHE B 353 4.74 0.62 20.40
CA PHE B 353 4.29 0.29 19.05
C PHE B 353 3.14 1.22 18.67
N TYR B 354 3.35 2.03 17.63
CA TYR B 354 2.30 2.92 17.16
C TYR B 354 1.11 2.12 16.69
N TRP B 355 -0.09 2.65 16.88
CA TRP B 355 -1.31 2.11 16.28
C TRP B 355 -1.90 3.18 15.38
N THR B 356 -1.77 3.03 14.06
CA THR B 356 -1.19 1.83 13.46
C THR B 356 -0.30 2.23 12.29
N TYR B 357 0.29 1.24 11.63
CA TYR B 357 1.15 1.56 10.49
C TYR B 357 0.35 2.18 9.35
N LYS B 358 -0.74 1.54 8.95
CA LYS B 358 -1.39 1.85 7.69
C LYS B 358 -2.90 1.67 7.79
N MET B 359 -3.61 2.65 7.27
CA MET B 359 -5.04 2.53 7.01
C MET B 359 -5.30 2.88 5.57
N LEU B 360 -6.55 2.68 5.16
CA LEU B 360 -7.02 3.06 3.83
C LEU B 360 -8.20 3.99 4.04
N LEU B 361 -7.96 5.09 4.76
CA LEU B 361 -9.00 6.06 5.01
C LEU B 361 -9.05 7.07 3.85
N ASP B 362 -10.24 7.60 3.61
CA ASP B 362 -10.48 8.55 2.52
C ASP B 362 -11.11 9.80 3.11
N PRO B 363 -10.35 10.58 3.87
CA PRO B 363 -10.91 11.79 4.47
C PRO B 363 -11.29 12.85 3.44
N THR B 364 -10.71 12.83 2.24
CA THR B 364 -11.06 13.79 1.20
C THR B 364 -12.51 13.65 0.78
N ASN B 365 -13.00 12.42 0.64
CA ASN B 365 -14.32 12.15 0.09
C ASN B 365 -15.28 11.58 1.11
N GLN B 366 -14.82 11.32 2.33
CA GLN B 366 -15.67 10.90 3.45
C GLN B 366 -15.42 11.94 4.53
N ALA B 367 -16.11 13.06 4.42
CA ALA B 367 -15.78 14.22 5.23
C ALA B 367 -15.83 13.93 6.73
N THR B 368 -16.64 12.96 7.15
CA THR B 368 -16.71 12.71 8.58
C THR B 368 -15.46 12.05 9.13
N TRP B 369 -14.59 11.49 8.29
CA TRP B 369 -13.34 10.91 8.76
C TRP B 369 -12.19 11.90 8.79
N ARG B 370 -12.45 13.16 8.49
CA ARG B 370 -11.41 14.15 8.65
C ARG B 370 -11.03 14.26 10.11
N GLY B 371 -9.72 14.41 10.36
CA GLY B 371 -9.17 14.35 11.69
C GLY B 371 -8.84 12.95 12.16
N TRP B 372 -9.19 11.92 11.37
CA TRP B 372 -8.94 10.54 11.76
C TRP B 372 -7.82 9.88 10.97
N ASP B 373 -7.28 10.51 9.92
CA ASP B 373 -6.20 9.85 9.20
C ASP B 373 -4.87 9.90 9.94
N CYS B 374 -4.81 10.56 11.10
CA CYS B 374 -3.59 10.51 11.91
C CYS B 374 -3.39 9.16 12.61
N TRP B 375 -4.37 8.25 12.55
CA TRP B 375 -4.10 6.86 12.97
C TRP B 375 -3.26 6.09 11.97
N ASP B 376 -2.94 6.67 10.81
CA ASP B 376 -2.11 6.01 9.81
C ASP B 376 -0.71 6.56 10.00
N LEU B 377 0.13 5.81 10.74
CA LEU B 377 1.47 6.29 11.05
C LEU B 377 2.18 6.81 9.80
N ALA B 378 2.25 5.97 8.76
CA ALA B 378 3.02 6.32 7.56
C ALA B 378 2.50 7.61 6.93
N LYS B 379 1.19 7.83 6.93
CA LYS B 379 0.65 9.06 6.37
C LYS B 379 1.02 10.26 7.21
N CYS B 380 1.06 10.12 8.54
CA CYS B 380 1.56 11.19 9.39
C CYS B 380 2.95 11.66 8.98
N VAL B 381 3.88 10.70 8.82
CA VAL B 381 5.23 11.06 8.36
C VAL B 381 5.17 11.90 7.09
N ASP B 382 4.32 11.51 6.14
CA ASP B 382 4.28 12.22 4.86
C ASP B 382 3.56 13.55 4.95
N GLU B 383 2.64 13.71 5.91
CA GLU B 383 1.99 14.99 6.17
C GLU B 383 2.81 15.89 7.09
N GLY B 384 3.95 15.43 7.63
CA GLY B 384 4.69 16.23 8.59
C GLY B 384 4.03 16.32 9.96
N TRP B 385 3.27 15.29 10.32
CA TRP B 385 2.65 15.12 11.62
C TRP B 385 3.49 14.26 12.57
N PHE B 386 4.48 13.53 12.05
CA PHE B 386 5.31 12.60 12.80
C PHE B 386 6.71 12.67 12.21
N PRO B 387 7.77 12.63 13.05
CA PRO B 387 9.14 12.76 12.53
C PRO B 387 9.43 11.69 11.49
N GLY B 388 10.16 12.07 10.45
CA GLY B 388 10.50 11.10 9.40
C GLY B 388 11.36 9.95 9.87
N ARG B 389 12.17 10.16 10.92
CA ARG B 389 13.03 9.12 11.47
C ARG B 389 12.95 9.13 12.99
N VAL B 390 12.86 7.93 13.59
CA VAL B 390 12.85 7.85 15.04
C VAL B 390 14.19 7.39 15.60
N ALA B 391 15.09 6.88 14.77
CA ALA B 391 16.42 6.48 15.24
C ALA B 391 17.47 6.90 14.21
#